data_2LFX
# 
_entry.id   2LFX 
# 
_audit_conform.dict_name       mmcif_pdbx.dic 
_audit_conform.dict_version    5.392 
_audit_conform.dict_location   http://mmcif.pdb.org/dictionaries/ascii/mmcif_pdbx.dic 
# 
loop_
_database_2.database_id 
_database_2.database_code 
_database_2.pdbx_database_accession 
_database_2.pdbx_DOI 
PDB   2LFX         pdb_00002lfx 10.2210/pdb2lfx/pdb 
RCSB  RCSB102343   ?            ?                   
BMRB  17786        ?            10.13018/BMR17786   
WWPDB D_1000102343 ?            ?                   
# 
loop_
_pdbx_audit_revision_history.ordinal 
_pdbx_audit_revision_history.data_content_type 
_pdbx_audit_revision_history.major_revision 
_pdbx_audit_revision_history.minor_revision 
_pdbx_audit_revision_history.revision_date 
1 'Structure model' 1 0 2012-06-27 
2 'Structure model' 1 1 2023-06-14 
3 'Structure model' 1 2 2024-05-15 
# 
_pdbx_audit_revision_details.ordinal             1 
_pdbx_audit_revision_details.revision_ordinal    1 
_pdbx_audit_revision_details.data_content_type   'Structure model' 
_pdbx_audit_revision_details.provider            repository 
_pdbx_audit_revision_details.type                'Initial release' 
_pdbx_audit_revision_details.description         ? 
_pdbx_audit_revision_details.details             ? 
# 
loop_
_pdbx_audit_revision_group.ordinal 
_pdbx_audit_revision_group.revision_ordinal 
_pdbx_audit_revision_group.data_content_type 
_pdbx_audit_revision_group.group 
1 2 'Structure model' 'Data collection'      
2 2 'Structure model' 'Database references'  
3 2 'Structure model' 'Derived calculations' 
4 2 'Structure model' Other                  
5 3 'Structure model' 'Data collection'      
6 3 'Structure model' 'Database references'  
# 
loop_
_pdbx_audit_revision_category.ordinal 
_pdbx_audit_revision_category.revision_ordinal 
_pdbx_audit_revision_category.data_content_type 
_pdbx_audit_revision_category.category 
1 2 'Structure model' database_2            
2 2 'Structure model' pdbx_database_status  
3 2 'Structure model' pdbx_nmr_software     
4 2 'Structure model' pdbx_nmr_spectrometer 
5 2 'Structure model' struct_conn           
6 3 'Structure model' chem_comp_atom        
7 3 'Structure model' chem_comp_bond        
8 3 'Structure model' database_2            
# 
loop_
_pdbx_audit_revision_item.ordinal 
_pdbx_audit_revision_item.revision_ordinal 
_pdbx_audit_revision_item.data_content_type 
_pdbx_audit_revision_item.item 
1 2 'Structure model' '_database_2.pdbx_DOI'                       
2 2 'Structure model' '_database_2.pdbx_database_accession'        
3 2 'Structure model' '_pdbx_database_status.status_code_nmr_data' 
4 2 'Structure model' '_pdbx_nmr_software.name'                    
5 2 'Structure model' '_pdbx_nmr_spectrometer.model'               
6 2 'Structure model' '_struct_conn.pdbx_leaving_atom_flag'        
7 3 'Structure model' '_database_2.pdbx_DOI'                       
# 
_pdbx_database_status.deposit_site                    BMRB 
_pdbx_database_status.entry_id                        2LFX 
_pdbx_database_status.process_site                    RCSB 
_pdbx_database_status.recvd_initial_deposition_date   2011-07-18 
_pdbx_database_status.SG_entry                        ? 
_pdbx_database_status.status_code                     REL 
_pdbx_database_status.status_code_mr                  REL 
_pdbx_database_status.status_code_sf                  ? 
_pdbx_database_status.status_code_cs                  REL 
_pdbx_database_status.methods_development_category    ? 
_pdbx_database_status.pdb_format_compatible           Y 
_pdbx_database_status.status_code_nmr_data            REL 
# 
loop_
_pdbx_database_related.db_id 
_pdbx_database_related.db_name 
_pdbx_database_related.content_type 
_pdbx_database_related.details 
17786 BMRB unspecified . 
2LFY  PDB  unspecified . 
# 
loop_
_audit_author.name 
_audit_author.pdbx_ordinal 
'Huang, H.'   1 
'Das, R.S.'   2 
'Basu, A.'    3 
'Stone, M.P.' 4 
# 
_citation.id                        primary 
_citation.title                     
;Structures of (5'S)-8,5'-Cyclo-2'-deoxyguanosine Mismatched with dA or dT.
;
_citation.journal_abbrev            Chem.Res.Toxicol. 
_citation.journal_volume            25 
_citation.page_first                478 
_citation.page_last                 490 
_citation.year                      2012 
_citation.journal_id_ASTM           CRTOEC 
_citation.country                   US 
_citation.journal_id_ISSN           0893-228X 
_citation.journal_id_CSD            2140 
_citation.book_publisher            ? 
_citation.pdbx_database_id_PubMed   22309170 
_citation.pdbx_database_id_DOI      10.1021/tx2005053 
# 
loop_
_citation_author.citation_id 
_citation_author.name 
_citation_author.ordinal 
_citation_author.identifier_ORCID 
primary 'Huang, H.'   1 ? 
primary 'Das, R.S.'   2 ? 
primary 'Basu, A.K.'  3 ? 
primary 'Stone, M.P.' 4 ? 
# 
loop_
_entity.id 
_entity.type 
_entity.src_method 
_entity.pdbx_description 
_entity.formula_weight 
_entity.pdbx_number_of_molecules 
_entity.pdbx_ec 
_entity.pdbx_mutation 
_entity.pdbx_fragment 
_entity.details 
1 polymer syn 
;DNA (5'-D(*GP*TP*GP*CP*(2LF)P*TP*GP*TP*TP*TP*GP*T)-3')
;
3713.394 1 ? ? ? ? 
2 polymer syn 
;DNA (5'-D(*AP*CP*AP*AP*AP*CP*AP*TP*GP*CP*AP*C)-3')
;
3624.409 1 ? ? ? ? 
# 
loop_
_entity_poly.entity_id 
_entity_poly.type 
_entity_poly.nstd_linkage 
_entity_poly.nstd_monomer 
_entity_poly.pdbx_seq_one_letter_code 
_entity_poly.pdbx_seq_one_letter_code_can 
_entity_poly.pdbx_strand_id 
_entity_poly.pdbx_target_identifier 
1 polydeoxyribonucleotide no yes '(DG)(DT)(DG)(DC)(2LF)(DT)(DG)(DT)(DT)(DT)(DG)(DT)' GTGCXTGTTTGT A ? 
2 polydeoxyribonucleotide no no  '(DA)(DC)(DA)(DA)(DA)(DC)(DA)(DT)(DG)(DC)(DA)(DC)'  ACAAACATGCAC B ? 
# 
loop_
_entity_poly_seq.entity_id 
_entity_poly_seq.num 
_entity_poly_seq.mon_id 
_entity_poly_seq.hetero 
1 1  DG  n 
1 2  DT  n 
1 3  DG  n 
1 4  DC  n 
1 5  2LF n 
1 6  DT  n 
1 7  DG  n 
1 8  DT  n 
1 9  DT  n 
1 10 DT  n 
1 11 DG  n 
1 12 DT  n 
2 1  DA  n 
2 2  DC  n 
2 3  DA  n 
2 4  DA  n 
2 5  DA  n 
2 6  DC  n 
2 7  DA  n 
2 8  DT  n 
2 9  DG  n 
2 10 DC  n 
2 11 DA  n 
2 12 DC  n 
# 
loop_
_chem_comp.id 
_chem_comp.type 
_chem_comp.mon_nstd_flag 
_chem_comp.name 
_chem_comp.pdbx_synonyms 
_chem_comp.formula 
_chem_comp.formula_weight 
2LF 'DNA linking' . 
'(6S,7S,8S,10R)-2-amino-8-hydroxy-4-oxo-3,6,7,8,9,10-hexahydro-4H-7,10-epoxyazepino[1,2-e]purin-6-yl dihydrogen phosphate' ? 
'C10 H12 N5 O7 P' 345.205 
DA  'DNA linking' y "2'-DEOXYADENOSINE-5'-MONOPHOSPHATE" ? 'C10 H14 N5 O6 P' 331.222 
DC  'DNA linking' y "2'-DEOXYCYTIDINE-5'-MONOPHOSPHATE" ? 'C9 H14 N3 O7 P'  307.197 
DG  'DNA linking' y "2'-DEOXYGUANOSINE-5'-MONOPHOSPHATE" ? 'C10 H14 N5 O7 P' 347.221 
DT  'DNA linking' y "THYMIDINE-5'-MONOPHOSPHATE" ? 'C10 H15 N2 O8 P' 322.208 
# 
loop_
_pdbx_poly_seq_scheme.asym_id 
_pdbx_poly_seq_scheme.entity_id 
_pdbx_poly_seq_scheme.seq_id 
_pdbx_poly_seq_scheme.mon_id 
_pdbx_poly_seq_scheme.ndb_seq_num 
_pdbx_poly_seq_scheme.pdb_seq_num 
_pdbx_poly_seq_scheme.auth_seq_num 
_pdbx_poly_seq_scheme.pdb_mon_id 
_pdbx_poly_seq_scheme.auth_mon_id 
_pdbx_poly_seq_scheme.pdb_strand_id 
_pdbx_poly_seq_scheme.pdb_ins_code 
_pdbx_poly_seq_scheme.hetero 
A 1 1  DG  1  1  1  DG  DG5 A . n 
A 1 2  DT  2  2  2  DT  DT  A . n 
A 1 3  DG  3  3  3  DG  DG  A . n 
A 1 4  DC  4  4  4  DC  DC  A . n 
A 1 5  2LF 5  5  5  2LF CDG A . n 
A 1 6  DT  6  6  6  DT  DT  A . n 
A 1 7  DG  7  7  7  DG  DG  A . n 
A 1 8  DT  8  8  8  DT  DT  A . n 
A 1 9  DT  9  9  9  DT  DT  A . n 
A 1 10 DT  10 10 10 DT  DT  A . n 
A 1 11 DG  11 11 11 DG  DG  A . n 
A 1 12 DT  12 12 12 DT  DT3 A . n 
B 2 1  DA  1  13 13 DA  DA5 B . n 
B 2 2  DC  2  14 14 DC  DC  B . n 
B 2 3  DA  3  15 15 DA  DA  B . n 
B 2 4  DA  4  16 16 DA  DA  B . n 
B 2 5  DA  5  17 17 DA  DA  B . n 
B 2 6  DC  6  18 18 DC  DC  B . n 
B 2 7  DA  7  19 19 DA  DA  B . n 
B 2 8  DT  8  20 20 DT  DT  B . n 
B 2 9  DG  9  21 21 DG  DG  B . n 
B 2 10 DC  10 22 22 DC  DC  B . n 
B 2 11 DA  11 23 23 DA  DA  B . n 
B 2 12 DC  12 24 24 DC  DC3 B . n 
# 
_exptl.absorpt_coefficient_mu     ? 
_exptl.absorpt_correction_T_max   ? 
_exptl.absorpt_correction_T_min   ? 
_exptl.absorpt_correction_type    ? 
_exptl.absorpt_process_details    ? 
_exptl.crystals_number            ? 
_exptl.details                    ? 
_exptl.entry_id                   2LFX 
_exptl.method                     'SOLUTION NMR' 
_exptl.method_details             ? 
# 
_struct.entry_id                  2LFX 
_struct.title                     
;Structure of the duplex when (5'S)-8,5'-cyclo-2'-deoxyguanosine is placed opposite dT
;
_struct.pdbx_model_details        'closest to the average, model 1' 
_struct.pdbx_CASP_flag            ? 
_struct.pdbx_model_type_details   ? 
# 
_struct_keywords.entry_id        2LFX 
_struct_keywords.pdbx_keywords   DNA 
_struct_keywords.text            
;(5'S)-8, 5'-cyclo-2'-deoxyguanosine, cyclopurine, cyclo-dG, DNA
;
# 
loop_
_struct_asym.id 
_struct_asym.pdbx_blank_PDB_chainid_flag 
_struct_asym.pdbx_modified 
_struct_asym.entity_id 
_struct_asym.details 
A N N 1 ? 
B N N 2 ? 
# 
loop_
_struct_ref.id 
_struct_ref.db_name 
_struct_ref.db_code 
_struct_ref.pdbx_db_accession 
_struct_ref.entity_id 
_struct_ref.pdbx_align_begin 
_struct_ref.pdbx_seq_one_letter_code 
_struct_ref.pdbx_db_isoform 
1 PDB 2LFX 2LFX 1 ? ? ? 
2 PDB 2LFX 2LFX 2 ? ? ? 
# 
loop_
_struct_ref_seq.align_id 
_struct_ref_seq.ref_id 
_struct_ref_seq.pdbx_PDB_id_code 
_struct_ref_seq.pdbx_strand_id 
_struct_ref_seq.seq_align_beg 
_struct_ref_seq.pdbx_seq_align_beg_ins_code 
_struct_ref_seq.seq_align_end 
_struct_ref_seq.pdbx_seq_align_end_ins_code 
_struct_ref_seq.pdbx_db_accession 
_struct_ref_seq.db_align_beg 
_struct_ref_seq.pdbx_db_align_beg_ins_code 
_struct_ref_seq.db_align_end 
_struct_ref_seq.pdbx_db_align_end_ins_code 
_struct_ref_seq.pdbx_auth_seq_align_beg 
_struct_ref_seq.pdbx_auth_seq_align_end 
1 1 2LFX A 1 ? 12 ? 2LFX 1  ? 12 ? 1  12 
2 2 2LFX B 1 ? 12 ? 2LFX 13 ? 24 ? 13 24 
# 
_pdbx_struct_assembly.id                   1 
_pdbx_struct_assembly.details              author_defined_assembly 
_pdbx_struct_assembly.method_details       ? 
_pdbx_struct_assembly.oligomeric_details   dimeric 
_pdbx_struct_assembly.oligomeric_count     2 
# 
_pdbx_struct_assembly_gen.assembly_id       1 
_pdbx_struct_assembly_gen.oper_expression   1 
_pdbx_struct_assembly_gen.asym_id_list      A,B 
# 
_pdbx_struct_oper_list.id                   1 
_pdbx_struct_oper_list.type                 'identity operation' 
_pdbx_struct_oper_list.name                 1_555 
_pdbx_struct_oper_list.symmetry_operation   x,y,z 
_pdbx_struct_oper_list.matrix[1][1]         1.0000000000 
_pdbx_struct_oper_list.matrix[1][2]         0.0000000000 
_pdbx_struct_oper_list.matrix[1][3]         0.0000000000 
_pdbx_struct_oper_list.vector[1]            0.0000000000 
_pdbx_struct_oper_list.matrix[2][1]         0.0000000000 
_pdbx_struct_oper_list.matrix[2][2]         1.0000000000 
_pdbx_struct_oper_list.matrix[2][3]         0.0000000000 
_pdbx_struct_oper_list.vector[2]            0.0000000000 
_pdbx_struct_oper_list.matrix[3][1]         0.0000000000 
_pdbx_struct_oper_list.matrix[3][2]         0.0000000000 
_pdbx_struct_oper_list.matrix[3][3]         1.0000000000 
_pdbx_struct_oper_list.vector[3]            0.0000000000 
# 
_struct_biol.id        1 
_struct_biol.details   ? 
# 
loop_
_struct_conn.id 
_struct_conn.conn_type_id 
_struct_conn.pdbx_leaving_atom_flag 
_struct_conn.pdbx_PDB_id 
_struct_conn.ptnr1_label_asym_id 
_struct_conn.ptnr1_label_comp_id 
_struct_conn.ptnr1_label_seq_id 
_struct_conn.ptnr1_label_atom_id 
_struct_conn.pdbx_ptnr1_label_alt_id 
_struct_conn.pdbx_ptnr1_PDB_ins_code 
_struct_conn.pdbx_ptnr1_standard_comp_id 
_struct_conn.ptnr1_symmetry 
_struct_conn.ptnr2_label_asym_id 
_struct_conn.ptnr2_label_comp_id 
_struct_conn.ptnr2_label_seq_id 
_struct_conn.ptnr2_label_atom_id 
_struct_conn.pdbx_ptnr2_label_alt_id 
_struct_conn.pdbx_ptnr2_PDB_ins_code 
_struct_conn.ptnr1_auth_asym_id 
_struct_conn.ptnr1_auth_comp_id 
_struct_conn.ptnr1_auth_seq_id 
_struct_conn.ptnr2_auth_asym_id 
_struct_conn.ptnr2_auth_comp_id 
_struct_conn.ptnr2_auth_seq_id 
_struct_conn.ptnr2_symmetry 
_struct_conn.pdbx_ptnr3_label_atom_id 
_struct_conn.pdbx_ptnr3_label_seq_id 
_struct_conn.pdbx_ptnr3_label_comp_id 
_struct_conn.pdbx_ptnr3_label_asym_id 
_struct_conn.pdbx_ptnr3_label_alt_id 
_struct_conn.pdbx_ptnr3_PDB_ins_code 
_struct_conn.details 
_struct_conn.pdbx_dist_value 
_struct_conn.pdbx_value_order 
_struct_conn.pdbx_role 
covale1  covale both ? A DC  4  "O3'" ? ? ? 1_555 A 2LF 5  P  ? ? A DC  4  A 2LF 5  1_555 ? ? ? ? ? ? ?            1.611 ? ? 
covale2  covale both ? A 2LF 5  "O3'" ? ? ? 1_555 A DT  6  P  ? ? A 2LF 5  A DT  6  1_555 ? ? ? ? ? ? ?            1.603 ? ? 
hydrog1  hydrog ?    ? A DG  1  N1    ? ? ? 1_555 B DC  12 N3 ? ? A DG  1  B DC  24 1_555 ? ? ? ? ? ? WATSON-CRICK ?     ? ? 
hydrog2  hydrog ?    ? A DG  1  N2    ? ? ? 1_555 B DC  12 O2 ? ? A DG  1  B DC  24 1_555 ? ? ? ? ? ? WATSON-CRICK ?     ? ? 
hydrog3  hydrog ?    ? A DG  1  O6    ? ? ? 1_555 B DC  12 N4 ? ? A DG  1  B DC  24 1_555 ? ? ? ? ? ? WATSON-CRICK ?     ? ? 
hydrog4  hydrog ?    ? A DT  2  N3    ? ? ? 1_555 B DA  11 N1 ? ? A DT  2  B DA  23 1_555 ? ? ? ? ? ? WATSON-CRICK ?     ? ? 
hydrog5  hydrog ?    ? A DT  2  O4    ? ? ? 1_555 B DA  11 N6 ? ? A DT  2  B DA  23 1_555 ? ? ? ? ? ? WATSON-CRICK ?     ? ? 
hydrog6  hydrog ?    ? A DG  3  N1    ? ? ? 1_555 B DC  10 N3 ? ? A DG  3  B DC  22 1_555 ? ? ? ? ? ? WATSON-CRICK ?     ? ? 
hydrog7  hydrog ?    ? A DG  3  N2    ? ? ? 1_555 B DC  10 O2 ? ? A DG  3  B DC  22 1_555 ? ? ? ? ? ? WATSON-CRICK ?     ? ? 
hydrog8  hydrog ?    ? A DG  3  O6    ? ? ? 1_555 B DC  10 N4 ? ? A DG  3  B DC  22 1_555 ? ? ? ? ? ? WATSON-CRICK ?     ? ? 
hydrog9  hydrog ?    ? A DC  4  N3    ? ? ? 1_555 B DG  9  N1 ? ? A DC  4  B DG  21 1_555 ? ? ? ? ? ? WATSON-CRICK ?     ? ? 
hydrog10 hydrog ?    ? A DC  4  N4    ? ? ? 1_555 B DG  9  O6 ? ? A DC  4  B DG  21 1_555 ? ? ? ? ? ? WATSON-CRICK ?     ? ? 
hydrog11 hydrog ?    ? A DC  4  O2    ? ? ? 1_555 B DG  9  N2 ? ? A DC  4  B DG  21 1_555 ? ? ? ? ? ? WATSON-CRICK ?     ? ? 
hydrog12 hydrog ?    ? A DT  6  N3    ? ? ? 1_555 B DA  7  N1 ? ? A DT  6  B DA  19 1_555 ? ? ? ? ? ? WATSON-CRICK ?     ? ? 
hydrog13 hydrog ?    ? A DT  6  O4    ? ? ? 1_555 B DA  7  N6 ? ? A DT  6  B DA  19 1_555 ? ? ? ? ? ? WATSON-CRICK ?     ? ? 
hydrog14 hydrog ?    ? A DG  7  N1    ? ? ? 1_555 B DC  6  N3 ? ? A DG  7  B DC  18 1_555 ? ? ? ? ? ? WATSON-CRICK ?     ? ? 
hydrog15 hydrog ?    ? A DG  7  N2    ? ? ? 1_555 B DC  6  O2 ? ? A DG  7  B DC  18 1_555 ? ? ? ? ? ? WATSON-CRICK ?     ? ? 
hydrog16 hydrog ?    ? A DG  7  O6    ? ? ? 1_555 B DC  6  N4 ? ? A DG  7  B DC  18 1_555 ? ? ? ? ? ? WATSON-CRICK ?     ? ? 
hydrog17 hydrog ?    ? A DT  8  N3    ? ? ? 1_555 B DA  5  N1 ? ? A DT  8  B DA  17 1_555 ? ? ? ? ? ? WATSON-CRICK ?     ? ? 
hydrog18 hydrog ?    ? A DT  8  O4    ? ? ? 1_555 B DA  5  N6 ? ? A DT  8  B DA  17 1_555 ? ? ? ? ? ? WATSON-CRICK ?     ? ? 
hydrog19 hydrog ?    ? A DT  9  N3    ? ? ? 1_555 B DA  4  N1 ? ? A DT  9  B DA  16 1_555 ? ? ? ? ? ? WATSON-CRICK ?     ? ? 
hydrog20 hydrog ?    ? A DT  9  O4    ? ? ? 1_555 B DA  4  N6 ? ? A DT  9  B DA  16 1_555 ? ? ? ? ? ? WATSON-CRICK ?     ? ? 
hydrog21 hydrog ?    ? A DT  10 N3    ? ? ? 1_555 B DA  3  N1 ? ? A DT  10 B DA  15 1_555 ? ? ? ? ? ? WATSON-CRICK ?     ? ? 
hydrog22 hydrog ?    ? A DT  10 O4    ? ? ? 1_555 B DA  3  N6 ? ? A DT  10 B DA  15 1_555 ? ? ? ? ? ? WATSON-CRICK ?     ? ? 
hydrog23 hydrog ?    ? A DG  11 N1    ? ? ? 1_555 B DC  2  N3 ? ? A DG  11 B DC  14 1_555 ? ? ? ? ? ? WATSON-CRICK ?     ? ? 
hydrog24 hydrog ?    ? A DG  11 N2    ? ? ? 1_555 B DC  2  O2 ? ? A DG  11 B DC  14 1_555 ? ? ? ? ? ? WATSON-CRICK ?     ? ? 
hydrog25 hydrog ?    ? A DG  11 O6    ? ? ? 1_555 B DC  2  N4 ? ? A DG  11 B DC  14 1_555 ? ? ? ? ? ? WATSON-CRICK ?     ? ? 
hydrog26 hydrog ?    ? A DT  12 N3    ? ? ? 1_555 B DA  1  N1 ? ? A DT  12 B DA  13 1_555 ? ? ? ? ? ? WATSON-CRICK ?     ? ? 
hydrog27 hydrog ?    ? A DT  12 O4    ? ? ? 1_555 B DA  1  N6 ? ? A DT  12 B DA  13 1_555 ? ? ? ? ? ? WATSON-CRICK ?     ? ? 
# 
loop_
_struct_conn_type.id 
_struct_conn_type.criteria 
_struct_conn_type.reference 
covale ? ? 
hydrog ? ? 
# 
loop_
_pdbx_validate_rmsd_angle.id 
_pdbx_validate_rmsd_angle.PDB_model_num 
_pdbx_validate_rmsd_angle.auth_atom_id_1 
_pdbx_validate_rmsd_angle.auth_asym_id_1 
_pdbx_validate_rmsd_angle.auth_comp_id_1 
_pdbx_validate_rmsd_angle.auth_seq_id_1 
_pdbx_validate_rmsd_angle.PDB_ins_code_1 
_pdbx_validate_rmsd_angle.label_alt_id_1 
_pdbx_validate_rmsd_angle.auth_atom_id_2 
_pdbx_validate_rmsd_angle.auth_asym_id_2 
_pdbx_validate_rmsd_angle.auth_comp_id_2 
_pdbx_validate_rmsd_angle.auth_seq_id_2 
_pdbx_validate_rmsd_angle.PDB_ins_code_2 
_pdbx_validate_rmsd_angle.label_alt_id_2 
_pdbx_validate_rmsd_angle.auth_atom_id_3 
_pdbx_validate_rmsd_angle.auth_asym_id_3 
_pdbx_validate_rmsd_angle.auth_comp_id_3 
_pdbx_validate_rmsd_angle.auth_seq_id_3 
_pdbx_validate_rmsd_angle.PDB_ins_code_3 
_pdbx_validate_rmsd_angle.label_alt_id_3 
_pdbx_validate_rmsd_angle.angle_value 
_pdbx_validate_rmsd_angle.angle_target_value 
_pdbx_validate_rmsd_angle.angle_deviation 
_pdbx_validate_rmsd_angle.angle_standard_deviation 
_pdbx_validate_rmsd_angle.linker_flag 
1  1 "O4'" A DC 4  ? ? "C1'" A DC 4  ? ? N1 A DC 4  ? ? 110.52 108.30 2.22  0.30 N 
2  1 N3    A DC 4  ? ? C2    A DC 4  ? ? O2 A DC 4  ? ? 117.18 121.90 -4.72 0.70 N 
3  1 "O4'" A DT 6  ? ? "C1'" A DT 6  ? ? N1 A DT 6  ? ? 110.50 108.30 2.20  0.30 N 
4  1 C6    A DT 6  ? ? C5    A DT 6  ? ? C7 A DT 6  ? ? 119.20 122.90 -3.70 0.60 N 
5  1 C6    A DT 9  ? ? C5    A DT 9  ? ? C7 A DT 9  ? ? 119.15 122.90 -3.75 0.60 N 
6  1 "O4'" A DT 10 ? ? "C1'" A DT 10 ? ? N1 A DT 10 ? ? 110.59 108.30 2.29  0.30 N 
7  1 C6    A DT 10 ? ? C5    A DT 10 ? ? C7 A DT 10 ? ? 119.16 122.90 -3.74 0.60 N 
8  1 "O4'" A DG 11 ? ? "C1'" A DG 11 ? ? N9 A DG 11 ? ? 110.94 108.30 2.64  0.30 N 
9  1 N1    A DG 11 ? ? C6    A DG 11 ? ? O6 A DG 11 ? ? 116.23 119.90 -3.67 0.60 N 
10 1 "O4'" A DT 12 ? ? "C1'" A DT 12 ? ? N1 A DT 12 ? ? 110.54 108.30 2.24  0.30 N 
11 1 C4    B DA 13 ? ? C5    B DA 13 ? ? C6 B DA 13 ? ? 113.47 117.00 -3.53 0.50 N 
12 1 C5    B DA 13 ? ? C6    B DA 13 ? ? N1 B DA 13 ? ? 120.99 117.70 3.29  0.50 N 
13 1 N1    B DA 13 ? ? C6    B DA 13 ? ? N6 B DA 13 ? ? 114.17 118.60 -4.43 0.60 N 
14 1 N3    B DC 14 ? ? C2    B DC 14 ? ? O2 B DC 14 ? ? 117.27 121.90 -4.63 0.70 N 
15 1 C4    B DA 15 ? ? C5    B DA 15 ? ? C6 B DA 15 ? ? 113.47 117.00 -3.53 0.50 N 
16 1 C5    B DA 15 ? ? C6    B DA 15 ? ? N1 B DA 15 ? ? 121.52 117.70 3.82  0.50 N 
17 1 N1    B DA 15 ? ? C6    B DA 15 ? ? N6 B DA 15 ? ? 113.82 118.60 -4.78 0.60 N 
18 1 C4    B DA 16 ? ? C5    B DA 16 ? ? C6 B DA 16 ? ? 113.68 117.00 -3.32 0.50 N 
19 1 C5    B DA 16 ? ? C6    B DA 16 ? ? N1 B DA 16 ? ? 121.52 117.70 3.82  0.50 N 
20 1 N1    B DA 16 ? ? C6    B DA 16 ? ? N6 B DA 16 ? ? 113.96 118.60 -4.64 0.60 N 
21 1 C4    B DA 17 ? ? C5    B DA 17 ? ? C6 B DA 17 ? ? 113.60 117.00 -3.40 0.50 N 
22 1 C5    B DA 17 ? ? C6    B DA 17 ? ? N1 B DA 17 ? ? 121.57 117.70 3.87  0.50 N 
23 1 N1    B DA 17 ? ? C6    B DA 17 ? ? N6 B DA 17 ? ? 113.87 118.60 -4.73 0.60 N 
24 1 N3    B DC 18 ? ? C2    B DC 18 ? ? O2 B DC 18 ? ? 117.40 121.90 -4.50 0.70 N 
25 1 C4    B DA 19 ? ? C5    B DA 19 ? ? C6 B DA 19 ? ? 113.99 117.00 -3.01 0.50 N 
26 1 C5    B DA 19 ? ? C6    B DA 19 ? ? N1 B DA 19 ? ? 121.59 117.70 3.89  0.50 N 
27 1 N1    B DA 19 ? ? C6    B DA 19 ? ? N6 B DA 19 ? ? 114.37 118.60 -4.23 0.60 N 
28 1 "O4'" B DT 20 ? ? "C1'" B DT 20 ? ? N1 B DT 20 ? ? 111.30 108.30 3.00  0.30 N 
29 1 C6    B DT 20 ? ? C5    B DT 20 ? ? C7 B DT 20 ? ? 119.26 122.90 -3.64 0.60 N 
30 1 N3    B DC 22 ? ? C2    B DC 22 ? ? O2 B DC 22 ? ? 117.46 121.90 -4.44 0.70 N 
31 1 C4    B DA 23 ? ? C5    B DA 23 ? ? C6 B DA 23 ? ? 113.85 117.00 -3.15 0.50 N 
32 1 C5    B DA 23 ? ? C6    B DA 23 ? ? N1 B DA 23 ? ? 121.22 117.70 3.52  0.50 N 
33 1 N1    B DA 23 ? ? C6    B DA 23 ? ? N6 B DA 23 ? ? 114.19 118.60 -4.41 0.60 N 
# 
loop_
_pdbx_validate_planes.id 
_pdbx_validate_planes.PDB_model_num 
_pdbx_validate_planes.auth_comp_id 
_pdbx_validate_planes.auth_asym_id 
_pdbx_validate_planes.auth_seq_id 
_pdbx_validate_planes.PDB_ins_code 
_pdbx_validate_planes.label_alt_id 
_pdbx_validate_planes.rmsd 
_pdbx_validate_planes.type 
1 1 DG A 1  ? ? 0.051 'SIDE CHAIN' 
2 1 DT A 2  ? ? 0.068 'SIDE CHAIN' 
3 1 DA B 23 ? ? 0.066 'SIDE CHAIN' 
# 
_pdbx_nmr_ensemble.average_constraint_violations_per_residue     ? 
_pdbx_nmr_ensemble.average_constraints_per_residue               ? 
_pdbx_nmr_ensemble.average_distance_constraint_violation         ? 
_pdbx_nmr_ensemble.average_torsion_angle_constraint_violation    ? 
_pdbx_nmr_ensemble.conformer_selection_criteria                  'back calculated data agree with experimental NOESY spectrum' 
_pdbx_nmr_ensemble.conformers_calculated_total_number            10 
_pdbx_nmr_ensemble.conformers_submitted_total_number             1 
_pdbx_nmr_ensemble.distance_constraint_violation_method          ? 
_pdbx_nmr_ensemble.entry_id                                      2LFX 
_pdbx_nmr_ensemble.maximum_distance_constraint_violation         ? 
_pdbx_nmr_ensemble.maximum_lower_distance_constraint_violation   ? 
_pdbx_nmr_ensemble.maximum_torsion_angle_constraint_violation    ? 
_pdbx_nmr_ensemble.maximum_upper_distance_constraint_violation   ? 
_pdbx_nmr_ensemble.torsion_angle_constraint_violation_method     ? 
# 
_pdbx_nmr_representative.conformer_id         1 
_pdbx_nmr_representative.entry_id             2LFX 
_pdbx_nmr_representative.selection_criteria   'closest to the average' 
# 
_pdbx_nmr_sample_details.contents         
;1.0 mM DNA (5'-D(*GP*TP*GP*CP*TP*GP*TP*TP*TP*GP*T)-3'), 1.0 mM DNA (5'-D(*AP*CP*AP*AP*AP*CP*AP*CP*GP*CP*AP*C)-3'), 100% D2O
;
_pdbx_nmr_sample_details.solution_id      1 
_pdbx_nmr_sample_details.solvent_system   '100% D2O' 
# 
loop_
_pdbx_nmr_exptl_sample.component 
_pdbx_nmr_exptl_sample.concentration 
_pdbx_nmr_exptl_sample.concentration_range 
_pdbx_nmr_exptl_sample.concentration_units 
_pdbx_nmr_exptl_sample.isotopic_labeling 
_pdbx_nmr_exptl_sample.solution_id 
;DNA (5'-D(*GP*TP*GP*CP*TP*GP*TP*TP*TP*GP*T)-3')-1
;
1.0 ? mM ? 1 
;DNA (5'-D(*AP*CP*AP*AP*AP*CP*AP*CP*GP*CP*AP*C)-3')-2
;
1.0 ? mM ? 1 
# 
_pdbx_nmr_exptl_sample_conditions.conditions_id       1 
_pdbx_nmr_exptl_sample_conditions.ionic_strength      100 
_pdbx_nmr_exptl_sample_conditions.pH                  7.0 
_pdbx_nmr_exptl_sample_conditions.pressure            ambient 
_pdbx_nmr_exptl_sample_conditions.pressure_units      ? 
_pdbx_nmr_exptl_sample_conditions.temperature         298 
_pdbx_nmr_exptl_sample_conditions.temperature_units   K 
# 
loop_
_pdbx_nmr_exptl.conditions_id 
_pdbx_nmr_exptl.experiment_id 
_pdbx_nmr_exptl.solution_id 
_pdbx_nmr_exptl.type 
1 1 1 '2D 1H-1H NOESY' 
1 2 1 '2D 1H-1H COSY'  
# 
_pdbx_nmr_refine.entry_id           2LFX 
_pdbx_nmr_refine.method             'simulated annealing' 
_pdbx_nmr_refine.details            ? 
_pdbx_nmr_refine.software_ordinal   1 
# 
_pdbx_nmr_software.authors          'Case, Darden, Cheatham, III, Simmerling, Wang, Duke, Luo, and Kollm' 
_pdbx_nmr_software.classification   refinement 
_pdbx_nmr_software.name             Amber 
_pdbx_nmr_software.version          10 
_pdbx_nmr_software.ordinal          1 
# 
loop_
_chem_comp_atom.comp_id 
_chem_comp_atom.atom_id 
_chem_comp_atom.type_symbol 
_chem_comp_atom.pdbx_aromatic_flag 
_chem_comp_atom.pdbx_stereo_config 
_chem_comp_atom.pdbx_ordinal 
2LF P      P N N 1   
2LF N1     N N N 2   
2LF C2     C N N 3   
2LF N2     N N N 4   
2LF N3     N N N 5   
2LF C4     C Y N 6   
2LF C5     C Y N 7   
2LF C6     C N N 8   
2LF O6     O N N 9   
2LF N7     N Y N 10  
2LF C8     C Y N 11  
2LF N9     N Y N 12  
2LF "C1'"  C N R 13  
2LF OP3    O N N 14  
2LF "C2'"  C N N 15  
2LF OP2    O N N 16  
2LF "C3'"  C N S 17  
2LF "O3'"  O N N 18  
2LF "C4'"  C N S 19  
2LF "O4'"  O N N 20  
2LF "C5'"  C N S 21  
2LF "O5'"  O N N 22  
2LF HN1    H N N 23  
2LF "H1'"  H N N 24  
2LF "H2'"  H N N 25  
2LF "H'2'" H N N 26  
2LF HN2    H N N 27  
2LF HN2A   H N N 28  
2LF "H3'"  H N N 29  
2LF "H4'"  H N N 30  
2LF "H5'"  H N N 31  
2LF HOP3   H N N 32  
2LF HOP2   H N N 33  
2LF "HO3'" H N N 34  
2LF OP1    O N N 35  
DA  OP3    O N N 36  
DA  P      P N N 37  
DA  OP1    O N N 38  
DA  OP2    O N N 39  
DA  "O5'"  O N N 40  
DA  "C5'"  C N N 41  
DA  "C4'"  C N R 42  
DA  "O4'"  O N N 43  
DA  "C3'"  C N S 44  
DA  "O3'"  O N N 45  
DA  "C2'"  C N N 46  
DA  "C1'"  C N R 47  
DA  N9     N Y N 48  
DA  C8     C Y N 49  
DA  N7     N Y N 50  
DA  C5     C Y N 51  
DA  C6     C Y N 52  
DA  N6     N N N 53  
DA  N1     N Y N 54  
DA  C2     C Y N 55  
DA  N3     N Y N 56  
DA  C4     C Y N 57  
DA  HOP3   H N N 58  
DA  HOP2   H N N 59  
DA  "H5'"  H N N 60  
DA  "H5''" H N N 61  
DA  "H4'"  H N N 62  
DA  "H3'"  H N N 63  
DA  "HO3'" H N N 64  
DA  "H2'"  H N N 65  
DA  "H2''" H N N 66  
DA  "H1'"  H N N 67  
DA  H8     H N N 68  
DA  H61    H N N 69  
DA  H62    H N N 70  
DA  H2     H N N 71  
DC  OP3    O N N 72  
DC  P      P N N 73  
DC  OP1    O N N 74  
DC  OP2    O N N 75  
DC  "O5'"  O N N 76  
DC  "C5'"  C N N 77  
DC  "C4'"  C N R 78  
DC  "O4'"  O N N 79  
DC  "C3'"  C N S 80  
DC  "O3'"  O N N 81  
DC  "C2'"  C N N 82  
DC  "C1'"  C N R 83  
DC  N1     N N N 84  
DC  C2     C N N 85  
DC  O2     O N N 86  
DC  N3     N N N 87  
DC  C4     C N N 88  
DC  N4     N N N 89  
DC  C5     C N N 90  
DC  C6     C N N 91  
DC  HOP3   H N N 92  
DC  HOP2   H N N 93  
DC  "H5'"  H N N 94  
DC  "H5''" H N N 95  
DC  "H4'"  H N N 96  
DC  "H3'"  H N N 97  
DC  "HO3'" H N N 98  
DC  "H2'"  H N N 99  
DC  "H2''" H N N 100 
DC  "H1'"  H N N 101 
DC  H41    H N N 102 
DC  H42    H N N 103 
DC  H5     H N N 104 
DC  H6     H N N 105 
DG  OP3    O N N 106 
DG  P      P N N 107 
DG  OP1    O N N 108 
DG  OP2    O N N 109 
DG  "O5'"  O N N 110 
DG  "C5'"  C N N 111 
DG  "C4'"  C N R 112 
DG  "O4'"  O N N 113 
DG  "C3'"  C N S 114 
DG  "O3'"  O N N 115 
DG  "C2'"  C N N 116 
DG  "C1'"  C N R 117 
DG  N9     N Y N 118 
DG  C8     C Y N 119 
DG  N7     N Y N 120 
DG  C5     C Y N 121 
DG  C6     C N N 122 
DG  O6     O N N 123 
DG  N1     N N N 124 
DG  C2     C N N 125 
DG  N2     N N N 126 
DG  N3     N N N 127 
DG  C4     C Y N 128 
DG  HOP3   H N N 129 
DG  HOP2   H N N 130 
DG  "H5'"  H N N 131 
DG  "H5''" H N N 132 
DG  "H4'"  H N N 133 
DG  "H3'"  H N N 134 
DG  "HO3'" H N N 135 
DG  "H2'"  H N N 136 
DG  "H2''" H N N 137 
DG  "H1'"  H N N 138 
DG  H8     H N N 139 
DG  H1     H N N 140 
DG  H21    H N N 141 
DG  H22    H N N 142 
DT  OP3    O N N 143 
DT  P      P N N 144 
DT  OP1    O N N 145 
DT  OP2    O N N 146 
DT  "O5'"  O N N 147 
DT  "C5'"  C N N 148 
DT  "C4'"  C N R 149 
DT  "O4'"  O N N 150 
DT  "C3'"  C N S 151 
DT  "O3'"  O N N 152 
DT  "C2'"  C N N 153 
DT  "C1'"  C N R 154 
DT  N1     N N N 155 
DT  C2     C N N 156 
DT  O2     O N N 157 
DT  N3     N N N 158 
DT  C4     C N N 159 
DT  O4     O N N 160 
DT  C5     C N N 161 
DT  C7     C N N 162 
DT  C6     C N N 163 
DT  HOP3   H N N 164 
DT  HOP2   H N N 165 
DT  "H5'"  H N N 166 
DT  "H5''" H N N 167 
DT  "H4'"  H N N 168 
DT  "H3'"  H N N 169 
DT  "HO3'" H N N 170 
DT  "H2'"  H N N 171 
DT  "H2''" H N N 172 
DT  "H1'"  H N N 173 
DT  H3     H N N 174 
DT  H71    H N N 175 
DT  H72    H N N 176 
DT  H73    H N N 177 
DT  H6     H N N 178 
# 
loop_
_chem_comp_bond.comp_id 
_chem_comp_bond.atom_id_1 
_chem_comp_bond.atom_id_2 
_chem_comp_bond.value_order 
_chem_comp_bond.pdbx_aromatic_flag 
_chem_comp_bond.pdbx_stereo_config 
_chem_comp_bond.pdbx_ordinal 
2LF P     OP2    sing N N 1   
2LF P     "O5'"  sing N N 2   
2LF N1    HN1    sing N N 3   
2LF N1    C2     sing N N 4   
2LF C2    N2     sing N N 5   
2LF N2    HN2A   sing N N 6   
2LF N2    HN2    sing N N 7   
2LF N3    C2     doub N N 8   
2LF C4    N3     sing N N 9   
2LF C5    C4     doub Y N 10  
2LF C5    C6     sing N N 11  
2LF C6    N1     sing N N 12  
2LF O6    C6     doub N N 13  
2LF N7    C5     sing Y N 14  
2LF N7    C8     doub Y N 15  
2LF C8    N9     sing Y N 16  
2LF N9    C4     sing Y N 17  
2LF N9    "C1'"  sing N N 18  
2LF "C1'" "H1'"  sing N N 19  
2LF "C1'" "C2'"  sing N N 20  
2LF OP3   P      sing N N 21  
2LF OP3   HOP3   sing N N 22  
2LF "C2'" "H'2'" sing N N 23  
2LF "C2'" "H2'"  sing N N 24  
2LF OP2   HOP2   sing N N 25  
2LF "C3'" "C2'"  sing N N 26  
2LF "C3'" "H3'"  sing N N 27  
2LF "C3'" "O3'"  sing N N 28  
2LF "O3'" "HO3'" sing N N 29  
2LF "C4'" "C3'"  sing N N 30  
2LF "O4'" "C1'"  sing N N 31  
2LF "O4'" "C4'"  sing N N 32  
2LF "C5'" C8     sing N N 33  
2LF "C5'" "C4'"  sing N N 34  
2LF "O5'" "C5'"  sing N N 35  
2LF "H4'" "C4'"  sing N N 36  
2LF "H5'" "C5'"  sing N N 37  
2LF P     OP1    doub N N 38  
DA  OP3   P      sing N N 39  
DA  OP3   HOP3   sing N N 40  
DA  P     OP1    doub N N 41  
DA  P     OP2    sing N N 42  
DA  P     "O5'"  sing N N 43  
DA  OP2   HOP2   sing N N 44  
DA  "O5'" "C5'"  sing N N 45  
DA  "C5'" "C4'"  sing N N 46  
DA  "C5'" "H5'"  sing N N 47  
DA  "C5'" "H5''" sing N N 48  
DA  "C4'" "O4'"  sing N N 49  
DA  "C4'" "C3'"  sing N N 50  
DA  "C4'" "H4'"  sing N N 51  
DA  "O4'" "C1'"  sing N N 52  
DA  "C3'" "O3'"  sing N N 53  
DA  "C3'" "C2'"  sing N N 54  
DA  "C3'" "H3'"  sing N N 55  
DA  "O3'" "HO3'" sing N N 56  
DA  "C2'" "C1'"  sing N N 57  
DA  "C2'" "H2'"  sing N N 58  
DA  "C2'" "H2''" sing N N 59  
DA  "C1'" N9     sing N N 60  
DA  "C1'" "H1'"  sing N N 61  
DA  N9    C8     sing Y N 62  
DA  N9    C4     sing Y N 63  
DA  C8    N7     doub Y N 64  
DA  C8    H8     sing N N 65  
DA  N7    C5     sing Y N 66  
DA  C5    C6     sing Y N 67  
DA  C5    C4     doub Y N 68  
DA  C6    N6     sing N N 69  
DA  C6    N1     doub Y N 70  
DA  N6    H61    sing N N 71  
DA  N6    H62    sing N N 72  
DA  N1    C2     sing Y N 73  
DA  C2    N3     doub Y N 74  
DA  C2    H2     sing N N 75  
DA  N3    C4     sing Y N 76  
DC  OP3   P      sing N N 77  
DC  OP3   HOP3   sing N N 78  
DC  P     OP1    doub N N 79  
DC  P     OP2    sing N N 80  
DC  P     "O5'"  sing N N 81  
DC  OP2   HOP2   sing N N 82  
DC  "O5'" "C5'"  sing N N 83  
DC  "C5'" "C4'"  sing N N 84  
DC  "C5'" "H5'"  sing N N 85  
DC  "C5'" "H5''" sing N N 86  
DC  "C4'" "O4'"  sing N N 87  
DC  "C4'" "C3'"  sing N N 88  
DC  "C4'" "H4'"  sing N N 89  
DC  "O4'" "C1'"  sing N N 90  
DC  "C3'" "O3'"  sing N N 91  
DC  "C3'" "C2'"  sing N N 92  
DC  "C3'" "H3'"  sing N N 93  
DC  "O3'" "HO3'" sing N N 94  
DC  "C2'" "C1'"  sing N N 95  
DC  "C2'" "H2'"  sing N N 96  
DC  "C2'" "H2''" sing N N 97  
DC  "C1'" N1     sing N N 98  
DC  "C1'" "H1'"  sing N N 99  
DC  N1    C2     sing N N 100 
DC  N1    C6     sing N N 101 
DC  C2    O2     doub N N 102 
DC  C2    N3     sing N N 103 
DC  N3    C4     doub N N 104 
DC  C4    N4     sing N N 105 
DC  C4    C5     sing N N 106 
DC  N4    H41    sing N N 107 
DC  N4    H42    sing N N 108 
DC  C5    C6     doub N N 109 
DC  C5    H5     sing N N 110 
DC  C6    H6     sing N N 111 
DG  OP3   P      sing N N 112 
DG  OP3   HOP3   sing N N 113 
DG  P     OP1    doub N N 114 
DG  P     OP2    sing N N 115 
DG  P     "O5'"  sing N N 116 
DG  OP2   HOP2   sing N N 117 
DG  "O5'" "C5'"  sing N N 118 
DG  "C5'" "C4'"  sing N N 119 
DG  "C5'" "H5'"  sing N N 120 
DG  "C5'" "H5''" sing N N 121 
DG  "C4'" "O4'"  sing N N 122 
DG  "C4'" "C3'"  sing N N 123 
DG  "C4'" "H4'"  sing N N 124 
DG  "O4'" "C1'"  sing N N 125 
DG  "C3'" "O3'"  sing N N 126 
DG  "C3'" "C2'"  sing N N 127 
DG  "C3'" "H3'"  sing N N 128 
DG  "O3'" "HO3'" sing N N 129 
DG  "C2'" "C1'"  sing N N 130 
DG  "C2'" "H2'"  sing N N 131 
DG  "C2'" "H2''" sing N N 132 
DG  "C1'" N9     sing N N 133 
DG  "C1'" "H1'"  sing N N 134 
DG  N9    C8     sing Y N 135 
DG  N9    C4     sing Y N 136 
DG  C8    N7     doub Y N 137 
DG  C8    H8     sing N N 138 
DG  N7    C5     sing Y N 139 
DG  C5    C6     sing N N 140 
DG  C5    C4     doub Y N 141 
DG  C6    O6     doub N N 142 
DG  C6    N1     sing N N 143 
DG  N1    C2     sing N N 144 
DG  N1    H1     sing N N 145 
DG  C2    N2     sing N N 146 
DG  C2    N3     doub N N 147 
DG  N2    H21    sing N N 148 
DG  N2    H22    sing N N 149 
DG  N3    C4     sing N N 150 
DT  OP3   P      sing N N 151 
DT  OP3   HOP3   sing N N 152 
DT  P     OP1    doub N N 153 
DT  P     OP2    sing N N 154 
DT  P     "O5'"  sing N N 155 
DT  OP2   HOP2   sing N N 156 
DT  "O5'" "C5'"  sing N N 157 
DT  "C5'" "C4'"  sing N N 158 
DT  "C5'" "H5'"  sing N N 159 
DT  "C5'" "H5''" sing N N 160 
DT  "C4'" "O4'"  sing N N 161 
DT  "C4'" "C3'"  sing N N 162 
DT  "C4'" "H4'"  sing N N 163 
DT  "O4'" "C1'"  sing N N 164 
DT  "C3'" "O3'"  sing N N 165 
DT  "C3'" "C2'"  sing N N 166 
DT  "C3'" "H3'"  sing N N 167 
DT  "O3'" "HO3'" sing N N 168 
DT  "C2'" "C1'"  sing N N 169 
DT  "C2'" "H2'"  sing N N 170 
DT  "C2'" "H2''" sing N N 171 
DT  "C1'" N1     sing N N 172 
DT  "C1'" "H1'"  sing N N 173 
DT  N1    C2     sing N N 174 
DT  N1    C6     sing N N 175 
DT  C2    O2     doub N N 176 
DT  C2    N3     sing N N 177 
DT  N3    C4     sing N N 178 
DT  N3    H3     sing N N 179 
DT  C4    O4     doub N N 180 
DT  C4    C5     sing N N 181 
DT  C5    C7     sing N N 182 
DT  C5    C6     doub N N 183 
DT  C7    H71    sing N N 184 
DT  C7    H72    sing N N 185 
DT  C7    H73    sing N N 186 
DT  C6    H6     sing N N 187 
# 
loop_
_ndb_struct_conf_na.entry_id 
_ndb_struct_conf_na.feature 
2LFX 'double helix'         
2LFX 'b-form double helix'  
2LFX 'mismatched base pair' 
# 
loop_
_ndb_struct_na_base_pair.model_number 
_ndb_struct_na_base_pair.i_label_asym_id 
_ndb_struct_na_base_pair.i_label_comp_id 
_ndb_struct_na_base_pair.i_label_seq_id 
_ndb_struct_na_base_pair.i_symmetry 
_ndb_struct_na_base_pair.j_label_asym_id 
_ndb_struct_na_base_pair.j_label_comp_id 
_ndb_struct_na_base_pair.j_label_seq_id 
_ndb_struct_na_base_pair.j_symmetry 
_ndb_struct_na_base_pair.shear 
_ndb_struct_na_base_pair.stretch 
_ndb_struct_na_base_pair.stagger 
_ndb_struct_na_base_pair.buckle 
_ndb_struct_na_base_pair.propeller 
_ndb_struct_na_base_pair.opening 
_ndb_struct_na_base_pair.pair_number 
_ndb_struct_na_base_pair.pair_name 
_ndb_struct_na_base_pair.i_auth_asym_id 
_ndb_struct_na_base_pair.i_auth_seq_id 
_ndb_struct_na_base_pair.i_PDB_ins_code 
_ndb_struct_na_base_pair.j_auth_asym_id 
_ndb_struct_na_base_pair.j_auth_seq_id 
_ndb_struct_na_base_pair.j_PDB_ins_code 
_ndb_struct_na_base_pair.hbond_type_28 
_ndb_struct_na_base_pair.hbond_type_12 
1 A DG 1  1_555 B DC 12 1_555 -0.397 -0.122 0.192  4.482   10.701  2.111  1  A_DG1:DC24_B  A 1  ? B 24 ? 19 1 
1 A DT 2  1_555 B DA 11 1_555 -0.184 0.067  -0.216 10.340  -4.602  -4.179 2  A_DT2:DA23_B  A 2  ? B 23 ? 20 1 
1 A DG 3  1_555 B DC 10 1_555 -0.221 -0.089 0.161  7.135   2.590   -1.137 3  A_DG3:DC22_B  A 3  ? B 22 ? 19 1 
1 A DC 4  1_555 B DG 9  1_555 0.196  -0.080 -0.398 13.334  -7.288  -0.237 4  A_DC4:DG21_B  A 4  ? B 21 ? 19 1 
1 A DT 6  1_555 B DA 7  1_555 -0.222 0.118  -0.372 6.960   -6.249  -6.916 5  A_DT6:DA19_B  A 6  ? B 19 ? 20 1 
1 A DG 7  1_555 B DC 6  1_555 -0.232 -0.107 0.236  -2.060  -12.024 -1.045 6  A_DG7:DC18_B  A 7  ? B 18 ? 19 1 
1 A DT 8  1_555 B DA 5  1_555 -0.297 0.035  0.151  -10.425 -13.422 -3.554 7  A_DT8:DA17_B  A 8  ? B 17 ? 20 1 
1 A DT 9  1_555 B DA 4  1_555 -0.025 -0.035 -0.206 -7.764  -16.407 -1.230 8  A_DT9:DA16_B  A 9  ? B 16 ? 20 1 
1 A DT 10 1_555 B DA 3  1_555 -0.073 -0.005 -0.187 -4.113  -8.912  -1.956 9  A_DT10:DA15_B A 10 ? B 15 ? 20 1 
1 A DG 11 1_555 B DC 2  1_555 -0.285 -0.081 0.065  -7.671  -7.649  -1.575 10 A_DG11:DC14_B A 11 ? B 14 ? 19 1 
1 A DT 12 1_555 B DA 1  1_555 -0.100 -0.076 0.537  -6.642  -5.970  -0.715 11 A_DT12:DA13_B A 12 ? B 13 ? 20 1 
# 
loop_
_ndb_struct_na_base_pair_step.model_number 
_ndb_struct_na_base_pair_step.i_label_asym_id_1 
_ndb_struct_na_base_pair_step.i_label_comp_id_1 
_ndb_struct_na_base_pair_step.i_label_seq_id_1 
_ndb_struct_na_base_pair_step.i_symmetry_1 
_ndb_struct_na_base_pair_step.j_label_asym_id_1 
_ndb_struct_na_base_pair_step.j_label_comp_id_1 
_ndb_struct_na_base_pair_step.j_label_seq_id_1 
_ndb_struct_na_base_pair_step.j_symmetry_1 
_ndb_struct_na_base_pair_step.i_label_asym_id_2 
_ndb_struct_na_base_pair_step.i_label_comp_id_2 
_ndb_struct_na_base_pair_step.i_label_seq_id_2 
_ndb_struct_na_base_pair_step.i_symmetry_2 
_ndb_struct_na_base_pair_step.j_label_asym_id_2 
_ndb_struct_na_base_pair_step.j_label_comp_id_2 
_ndb_struct_na_base_pair_step.j_label_seq_id_2 
_ndb_struct_na_base_pair_step.j_symmetry_2 
_ndb_struct_na_base_pair_step.shift 
_ndb_struct_na_base_pair_step.slide 
_ndb_struct_na_base_pair_step.rise 
_ndb_struct_na_base_pair_step.tilt 
_ndb_struct_na_base_pair_step.roll 
_ndb_struct_na_base_pair_step.twist 
_ndb_struct_na_base_pair_step.x_displacement 
_ndb_struct_na_base_pair_step.y_displacement 
_ndb_struct_na_base_pair_step.helical_rise 
_ndb_struct_na_base_pair_step.inclination 
_ndb_struct_na_base_pair_step.tip 
_ndb_struct_na_base_pair_step.helical_twist 
_ndb_struct_na_base_pair_step.step_number 
_ndb_struct_na_base_pair_step.step_name 
_ndb_struct_na_base_pair_step.i_auth_asym_id_1 
_ndb_struct_na_base_pair_step.i_auth_seq_id_1 
_ndb_struct_na_base_pair_step.i_PDB_ins_code_1 
_ndb_struct_na_base_pair_step.j_auth_asym_id_1 
_ndb_struct_na_base_pair_step.j_auth_seq_id_1 
_ndb_struct_na_base_pair_step.j_PDB_ins_code_1 
_ndb_struct_na_base_pair_step.i_auth_asym_id_2 
_ndb_struct_na_base_pair_step.i_auth_seq_id_2 
_ndb_struct_na_base_pair_step.i_PDB_ins_code_2 
_ndb_struct_na_base_pair_step.j_auth_asym_id_2 
_ndb_struct_na_base_pair_step.j_auth_seq_id_2 
_ndb_struct_na_base_pair_step.j_PDB_ins_code_2 
1 A DG 1  1_555 B DC 12 1_555 A DT 2  1_555 B DA 11 1_555 -0.435 -0.663 3.313 4.800  -0.241 30.751 -1.189 1.732  3.214 -0.452 
-8.983  31.115 1  AA_DG1DT2:DA23DC24_BB   A 1  ? B 24 ? A 2  ? B 23 ? 
1 A DT 2  1_555 B DA 11 1_555 A DG 3  1_555 B DC 10 1_555 0.264  -1.014 3.294 -3.408 12.587 31.047 -3.704 -0.984 2.653 22.321 
6.044   33.612 2  AA_DT2DG3:DC22DA23_BB   A 2  ? B 23 ? A 3  ? B 22 ? 
1 A DG 3  1_555 B DC 10 1_555 A DC 4  1_555 B DG 9  1_555 0.096  -0.631 3.217 5.902  5.654  30.188 -2.211 0.908  3.016 10.613 
-11.080 31.250 3  AA_DG3DC4:DG21DC22_BB   A 3  ? B 22 ? A 4  ? B 21 ? 
1 A DC 4  1_555 B DG 9  1_555 A DT 6  1_555 B DA 7  1_555 -0.984 -0.546 6.818 -6.766 17.719 70.195 -1.690 0.365  6.602 15.135 
5.779   72.394 4  AA_DC4DT6:DA19DG21_BB   A 4  ? B 21 ? A 6  ? B 19 ? 
1 A DT 6  1_555 B DA 7  1_555 A DG 7  1_555 B DC 6  1_555 0.318  -1.142 3.608 -3.975 4.774  32.432 -2.878 -1.284 3.349 8.450  
7.037   33.006 5  AA_DT6DG7:DC18DA19_BB   A 6  ? B 19 ? A 7  ? B 18 ? 
1 A DG 7  1_555 B DC 6  1_555 A DT 8  1_555 B DA 5  1_555 -0.405 -1.061 3.494 1.704  -1.553 35.205 -1.503 0.940  3.514 -2.564 
-2.813  35.278 6  AA_DG7DT8:DA17DC18_BB   A 7  ? B 18 ? A 8  ? B 17 ? 
1 A DT 8  1_555 B DA 5  1_555 A DT 9  1_555 B DA 4  1_555 0.402  -0.391 3.252 1.645  -0.947 36.905 -0.490 -0.414 3.275 -1.494 
-2.596  36.952 7  AA_DT8DT9:DA16DA17_BB   A 8  ? B 17 ? A 9  ? B 16 ? 
1 A DT 9  1_555 B DA 4  1_555 A DT 10 1_555 B DA 3  1_555 0.070  -0.799 3.353 -1.256 1.356  31.777 -1.708 -0.362 3.311 2.473  
2.292   31.830 8  AA_DT9DT10:DA15DA16_BB  A 9  ? B 16 ? A 10 ? B 15 ? 
1 A DT 10 1_555 B DA 3  1_555 A DG 11 1_555 B DC 2  1_555 0.016  -0.945 3.387 -1.793 9.848  30.801 -3.425 -0.343 2.947 17.956 
3.270   32.349 9  AA_DT10DG11:DC14DA15_BB A 10 ? B 15 ? A 11 ? B 14 ? 
1 A DG 11 1_555 B DC 2  1_555 A DT 12 1_555 B DA 1  1_555 0.173  -1.150 3.474 -3.865 -0.085 32.830 -2.006 -0.997 3.435 -0.150 
6.809   33.050 10 AA_DG11DT12:DA13DC14_BB A 11 ? B 14 ? A 12 ? B 13 ? 
# 
_pdbx_nmr_spectrometer.field_strength    800 
_pdbx_nmr_spectrometer.manufacturer      Bruker 
_pdbx_nmr_spectrometer.model             AVANCE 
_pdbx_nmr_spectrometer.spectrometer_id   1 
_pdbx_nmr_spectrometer.type              'Bruker Avance' 
# 
_atom_sites.entry_id                    2LFX 
_atom_sites.fract_transf_matrix[1][1]   1.000000 
_atom_sites.fract_transf_matrix[1][2]   0.000000 
_atom_sites.fract_transf_matrix[1][3]   0.000000 
_atom_sites.fract_transf_matrix[2][1]   0.000000 
_atom_sites.fract_transf_matrix[2][2]   1.000000 
_atom_sites.fract_transf_matrix[2][3]   0.000000 
_atom_sites.fract_transf_matrix[3][1]   0.000000 
_atom_sites.fract_transf_matrix[3][2]   0.000000 
_atom_sites.fract_transf_matrix[3][3]   1.000000 
_atom_sites.fract_transf_vector[1]      0.00000 
_atom_sites.fract_transf_vector[2]      0.00000 
_atom_sites.fract_transf_vector[3]      0.00000 
# 
loop_
_atom_type.symbol 
C 
H 
N 
O 
P 
# 
loop_
_atom_site.group_PDB 
_atom_site.id 
_atom_site.type_symbol 
_atom_site.label_atom_id 
_atom_site.label_alt_id 
_atom_site.label_comp_id 
_atom_site.label_asym_id 
_atom_site.label_entity_id 
_atom_site.label_seq_id 
_atom_site.pdbx_PDB_ins_code 
_atom_site.Cartn_x 
_atom_site.Cartn_y 
_atom_site.Cartn_z 
_atom_site.occupancy 
_atom_site.B_iso_or_equiv 
_atom_site.pdbx_formal_charge 
_atom_site.auth_seq_id 
_atom_site.auth_comp_id 
_atom_site.auth_asym_id 
_atom_site.auth_atom_id 
_atom_site.pdbx_PDB_model_num 
ATOM   1   O "O5'"  . DG  A 1 1  ? 18.624  8.700   -1.817  1.00 0.00 ? 1  DG  A "O5'"  1 
ATOM   2   C "C5'"  . DG  A 1 1  ? 17.976  7.466   -1.567  1.00 0.00 ? 1  DG  A "C5'"  1 
ATOM   3   C "C4'"  . DG  A 1 1  ? 17.926  7.217   -0.053  1.00 0.00 ? 1  DG  A "C4'"  1 
ATOM   4   O "O4'"  . DG  A 1 1  ? 17.292  8.330   0.572   1.00 0.00 ? 1  DG  A "O4'"  1 
ATOM   5   C "C3'"  . DG  A 1 1  ? 17.108  5.978   0.300   1.00 0.00 ? 1  DG  A "C3'"  1 
ATOM   6   O "O3'"  . DG  A 1 1  ? 17.682  5.402   1.458   1.00 0.00 ? 1  DG  A "O3'"  1 
ATOM   7   C "C2'"  . DG  A 1 1  ? 15.710  6.549   0.523   1.00 0.00 ? 1  DG  A "C2'"  1 
ATOM   8   C "C1'"  . DG  A 1 1  ? 15.999  7.956   1.041   1.00 0.00 ? 1  DG  A "C1'"  1 
ATOM   9   N N9     . DG  A 1 1  ? 15.023  8.971   0.582   1.00 0.00 ? 1  DG  A N9     1 
ATOM   10  C C8     . DG  A 1 1  ? 14.729  9.358   -0.701  1.00 0.00 ? 1  DG  A C8     1 
ATOM   11  N N7     . DG  A 1 1  ? 13.968  10.413  -0.787  1.00 0.00 ? 1  DG  A N7     1 
ATOM   12  C C5     . DG  A 1 1  ? 13.675  10.718  0.554   1.00 0.00 ? 1  DG  A C5     1 
ATOM   13  C C6     . DG  A 1 1  ? 12.891  11.767  1.163   1.00 0.00 ? 1  DG  A C6     1 
ATOM   14  O O6     . DG  A 1 1  ? 12.265  12.694  0.645   1.00 0.00 ? 1  DG  A O6     1 
ATOM   15  N N1     . DG  A 1 1  ? 12.908  11.728  2.542   1.00 0.00 ? 1  DG  A N1     1 
ATOM   16  C C2     . DG  A 1 1  ? 13.557  10.789  3.266   1.00 0.00 ? 1  DG  A C2     1 
ATOM   17  N N2     . DG  A 1 1  ? 13.477  10.862  4.562   1.00 0.00 ? 1  DG  A N2     1 
ATOM   18  N N3     . DG  A 1 1  ? 14.301  9.816   2.755   1.00 0.00 ? 1  DG  A N3     1 
ATOM   19  C C4     . DG  A 1 1  ? 14.316  9.828   1.391   1.00 0.00 ? 1  DG  A C4     1 
ATOM   20  H "H5'"  . DG  A 1 1  ? 18.525  6.653   -2.045  1.00 0.00 ? 1  DG  A "H5'"  1 
ATOM   21  H "H5''" . DG  A 1 1  ? 16.963  7.493   -1.969  1.00 0.00 ? 1  DG  A "H5''" 1 
ATOM   22  H "H4'"  . DG  A 1 1  ? 18.942  7.100   0.328   1.00 0.00 ? 1  DG  A "H4'"  1 
ATOM   23  H "H3'"  . DG  A 1 1  ? 17.115  5.253   -0.519  1.00 0.00 ? 1  DG  A "H3'"  1 
ATOM   24  H "H2'"  . DG  A 1 1  ? 15.170  6.577   -0.423  1.00 0.00 ? 1  DG  A "H2'"  1 
ATOM   25  H "H2''" . DG  A 1 1  ? 15.147  5.969   1.255   1.00 0.00 ? 1  DG  A "H2''" 1 
ATOM   26  H "H1'"  . DG  A 1 1  ? 16.000  7.922   2.136   1.00 0.00 ? 1  DG  A "H1'"  1 
ATOM   27  H H8     . DG  A 1 1  ? 15.129  8.855   -1.566  1.00 0.00 ? 1  DG  A H8     1 
ATOM   28  H H1     . DG  A 1 1  ? 12.340  12.408  3.020   1.00 0.00 ? 1  DG  A H1     1 
ATOM   29  H H21    . DG  A 1 1  ? 13.751  10.044  5.072   1.00 0.00 ? 1  DG  A H21    1 
ATOM   30  H H22    . DG  A 1 1  ? 12.929  11.596  5.001   1.00 0.00 ? 1  DG  A H22    1 
ATOM   31  H "HO5'" . DG  A 1 1  ? 18.320  9.309   -1.130  1.00 0.00 ? 1  DG  A "HO5'" 1 
ATOM   32  P P      . DT  A 1 2  ? 17.245  3.945   1.979   1.00 0.00 ? 2  DT  A P      1 
ATOM   33  O OP1    . DT  A 1 2  ? 18.385  3.396   2.740   1.00 0.00 ? 2  DT  A OP1    1 
ATOM   34  O OP2    . DT  A 1 2  ? 16.710  3.216   0.811   1.00 0.00 ? 2  DT  A OP2    1 
ATOM   35  O "O5'"  . DT  A 1 2  ? 16.054  4.324   2.994   1.00 0.00 ? 2  DT  A "O5'"  1 
ATOM   36  C "C5'"  . DT  A 1 2  ? 16.348  4.919   4.250   1.00 0.00 ? 2  DT  A "C5'"  1 
ATOM   37  C "C4'"  . DT  A 1 2  ? 15.114  5.377   5.041   1.00 0.00 ? 2  DT  A "C4'"  1 
ATOM   38  O "O4'"  . DT  A 1 2  ? 14.424  6.410   4.352   1.00 0.00 ? 2  DT  A "O4'"  1 
ATOM   39  C "C3'"  . DT  A 1 2  ? 14.102  4.276   5.390   1.00 0.00 ? 2  DT  A "C3'"  1 
ATOM   40  O "O3'"  . DT  A 1 2  ? 13.912  4.293   6.799   1.00 0.00 ? 2  DT  A "O3'"  1 
ATOM   41  C "C2'"  . DT  A 1 2  ? 12.845  4.721   4.644   1.00 0.00 ? 2  DT  A "C2'"  1 
ATOM   42  C "C1'"  . DT  A 1 2  ? 13.040  6.238   4.603   1.00 0.00 ? 2  DT  A "C1'"  1 
ATOM   43  N N1     . DT  A 1 2  ? 12.256  6.959   3.562   1.00 0.00 ? 2  DT  A N1     1 
ATOM   44  C C2     . DT  A 1 2  ? 11.561  8.116   3.945   1.00 0.00 ? 2  DT  A C2     1 
ATOM   45  O O2     . DT  A 1 2  ? 11.540  8.549   5.096   1.00 0.00 ? 2  DT  A O2     1 
ATOM   46  N N3     . DT  A 1 2  ? 10.932  8.823   2.946   1.00 0.00 ? 2  DT  A N3     1 
ATOM   47  C C4     . DT  A 1 2  ? 10.994  8.533   1.602   1.00 0.00 ? 2  DT  A C4     1 
ATOM   48  O O4     . DT  A 1 2  ? 10.528  9.343   0.808   1.00 0.00 ? 2  DT  A O4     1 
ATOM   49  C C5     . DT  A 1 2  ? 11.701  7.297   1.267   1.00 0.00 ? 2  DT  A C5     1 
ATOM   50  C C7     . DT  A 1 2  ? 11.798  6.843   -0.181  1.00 0.00 ? 2  DT  A C7     1 
ATOM   51  C C6     . DT  A 1 2  ? 12.303  6.561   2.240   1.00 0.00 ? 2  DT  A C6     1 
ATOM   52  H "H5'"  . DT  A 1 2  ? 16.986  5.788   4.087   1.00 0.00 ? 2  DT  A "H5'"  1 
ATOM   53  H "H5''" . DT  A 1 2  ? 16.899  4.197   4.854   1.00 0.00 ? 2  DT  A "H5''" 1 
ATOM   54  H "H4'"  . DT  A 1 2  ? 15.470  5.788   5.985   1.00 0.00 ? 2  DT  A "H4'"  1 
ATOM   55  H "H3'"  . DT  A 1 2  ? 14.445  3.296   5.047   1.00 0.00 ? 2  DT  A "H3'"  1 
ATOM   56  H "H2'"  . DT  A 1 2  ? 12.849  4.278   3.650   1.00 0.00 ? 2  DT  A "H2'"  1 
ATOM   57  H "H2''" . DT  A 1 2  ? 11.935  4.450   5.176   1.00 0.00 ? 2  DT  A "H2''" 1 
ATOM   58  H "H1'"  . DT  A 1 2  ? 12.796  6.630   5.598   1.00 0.00 ? 2  DT  A "H1'"  1 
ATOM   59  H H3     . DT  A 1 2  ? 10.375  9.620   3.218   1.00 0.00 ? 2  DT  A H3     1 
ATOM   60  H H71    . DT  A 1 2  ? 10.792  6.645   -0.558  1.00 0.00 ? 2  DT  A H71    1 
ATOM   61  H H72    . DT  A 1 2  ? 12.232  7.644   -0.778  1.00 0.00 ? 2  DT  A H72    1 
ATOM   62  H H73    . DT  A 1 2  ? 12.402  5.941   -0.275  1.00 0.00 ? 2  DT  A H73    1 
ATOM   63  H H6     . DT  A 1 2  ? 12.854  5.670   1.979   1.00 0.00 ? 2  DT  A H6     1 
ATOM   64  P P      . DG  A 1 3  ? 13.120  3.127   7.580   1.00 0.00 ? 3  DG  A P      1 
ATOM   65  O OP1    . DG  A 1 3  ? 13.656  3.085   8.958   1.00 0.00 ? 3  DG  A OP1    1 
ATOM   66  O OP2    . DG  A 1 3  ? 13.148  1.915   6.738   1.00 0.00 ? 3  DG  A OP2    1 
ATOM   67  O "O5'"  . DG  A 1 3  ? 11.615  3.700   7.622   1.00 0.00 ? 3  DG  A "O5'"  1 
ATOM   68  C "C5'"  . DG  A 1 3  ? 11.247  4.673   8.586   1.00 0.00 ? 3  DG  A "C5'"  1 
ATOM   69  C "C4'"  . DG  A 1 3  ? 9.814   5.200   8.429   1.00 0.00 ? 3  DG  A "C4'"  1 
ATOM   70  O "O4'"  . DG  A 1 3  ? 9.679   5.976   7.250   1.00 0.00 ? 3  DG  A "O4'"  1 
ATOM   71  C "C3'"  . DG  A 1 3  ? 8.711   4.132   8.429   1.00 0.00 ? 3  DG  A "C3'"  1 
ATOM   72  O "O3'"  . DG  A 1 3  ? 7.910   4.327   9.591   1.00 0.00 ? 3  DG  A "O3'"  1 
ATOM   73  C "C2'"  . DG  A 1 3  ? 7.955   4.424   7.128   1.00 0.00 ? 3  DG  A "C2'"  1 
ATOM   74  C "C1'"  . DG  A 1 3  ? 8.336   5.873   6.820   1.00 0.00 ? 3  DG  A "C1'"  1 
ATOM   75  N N9     . DG  A 1 3  ? 8.265   6.232   5.387   1.00 0.00 ? 3  DG  A N9     1 
ATOM   76  C C8     . DG  A 1 3  ? 8.965   5.686   4.343   1.00 0.00 ? 3  DG  A C8     1 
ATOM   77  N N7     . DG  A 1 3  ? 8.774   6.278   3.195   1.00 0.00 ? 3  DG  A N7     1 
ATOM   78  C C5     . DG  A 1 3  ? 7.848   7.291   3.499   1.00 0.00 ? 3  DG  A C5     1 
ATOM   79  C C6     . DG  A 1 3  ? 7.226   8.309   2.687   1.00 0.00 ? 3  DG  A C6     1 
ATOM   80  O O6     . DG  A 1 3  ? 7.371   8.562   1.493   1.00 0.00 ? 3  DG  A O6     1 
ATOM   81  N N1     . DG  A 1 3  ? 6.358   9.120   3.388   1.00 0.00 ? 3  DG  A N1     1 
ATOM   82  C C2     . DG  A 1 3  ? 6.113   8.999   4.711   1.00 0.00 ? 3  DG  A C2     1 
ATOM   83  N N2     . DG  A 1 3  ? 5.272   9.842   5.244   1.00 0.00 ? 3  DG  A N2     1 
ATOM   84  N N3     . DG  A 1 3  ? 6.683   8.103   5.512   1.00 0.00 ? 3  DG  A N3     1 
ATOM   85  C C4     . DG  A 1 3  ? 7.534   7.264   4.843   1.00 0.00 ? 3  DG  A C4     1 
ATOM   86  H "H5'"  . DG  A 1 3  ? 11.937  5.515   8.520   1.00 0.00 ? 3  DG  A "H5'"  1 
ATOM   87  H "H5''" . DG  A 1 3  ? 11.344  4.228   9.577   1.00 0.00 ? 3  DG  A "H5''" 1 
ATOM   88  H "H4'"  . DG  A 1 3  ? 9.620   5.860   9.275   1.00 0.00 ? 3  DG  A "H4'"  1 
ATOM   89  H "H3'"  . DG  A 1 3  ? 9.137   3.126   8.412   1.00 0.00 ? 3  DG  A "H3'"  1 
ATOM   90  H "H2'"  . DG  A 1 3  ? 8.315   3.752   6.348   1.00 0.00 ? 3  DG  A "H2'"  1 
ATOM   91  H "H2''" . DG  A 1 3  ? 6.877   4.324   7.248   1.00 0.00 ? 3  DG  A "H2''" 1 
ATOM   92  H "H1'"  . DG  A 1 3  ? 7.695   6.544   7.401   1.00 0.00 ? 3  DG  A "H1'"  1 
ATOM   93  H H8     . DG  A 1 3  ? 9.643   4.855   4.481   1.00 0.00 ? 3  DG  A H8     1 
ATOM   94  H H1     . DG  A 1 3  ? 5.836   9.801   2.862   1.00 0.00 ? 3  DG  A H1     1 
ATOM   95  H H21    . DG  A 1 3  ? 5.008   9.668   6.190   1.00 0.00 ? 3  DG  A H21    1 
ATOM   96  H H22    . DG  A 1 3  ? 4.771   10.509  4.659   1.00 0.00 ? 3  DG  A H22    1 
ATOM   97  P P      . DC  A 1 4  ? 6.788   3.265   10.064  1.00 0.00 ? 4  DC  A P      1 
ATOM   98  O OP1    . DC  A 1 4  ? 6.624   3.414   11.528  1.00 0.00 ? 4  DC  A OP1    1 
ATOM   99  O OP2    . DC  A 1 4  ? 7.115   1.945   9.491   1.00 0.00 ? 4  DC  A OP2    1 
ATOM   100 O "O5'"  . DC  A 1 4  ? 5.463   3.821   9.356   1.00 0.00 ? 4  DC  A "O5'"  1 
ATOM   101 C "C5'"  . DC  A 1 4  ? 4.848   5.003   9.838   1.00 0.00 ? 4  DC  A "C5'"  1 
ATOM   102 C "C4'"  . DC  A 1 4  ? 3.718   5.520   8.942   1.00 0.00 ? 4  DC  A "C4'"  1 
ATOM   103 O "O4'"  . DC  A 1 4  ? 4.235   5.907   7.676   1.00 0.00 ? 4  DC  A "O4'"  1 
ATOM   104 C "C3'"  . DC  A 1 4  ? 2.550   4.545   8.714   1.00 0.00 ? 4  DC  A "C3'"  1 
ATOM   105 O "O3'"  . DC  A 1 4  ? 1.355   5.248   9.034   1.00 0.00 ? 4  DC  A "O3'"  1 
ATOM   106 C "C2'"  . DC  A 1 4  ? 2.692   4.229   7.226   1.00 0.00 ? 4  DC  A "C2'"  1 
ATOM   107 C "C1'"  . DC  A 1 4  ? 3.277   5.540   6.702   1.00 0.00 ? 4  DC  A "C1'"  1 
ATOM   108 N N1     . DC  A 1 4  ? 3.902   5.483   5.351   1.00 0.00 ? 4  DC  A N1     1 
ATOM   109 C C2     . DC  A 1 4  ? 3.627   6.512   4.438   1.00 0.00 ? 4  DC  A C2     1 
ATOM   110 O O2     . DC  A 1 4  ? 2.909   7.470   4.729   1.00 0.00 ? 4  DC  A O2     1 
ATOM   111 N N3     . DC  A 1 4  ? 4.172   6.502   3.199   1.00 0.00 ? 4  DC  A N3     1 
ATOM   112 C C4     . DC  A 1 4  ? 4.951   5.499   2.863   1.00 0.00 ? 4  DC  A C4     1 
ATOM   113 N N4     . DC  A 1 4  ? 5.458   5.548   1.667   1.00 0.00 ? 4  DC  A N4     1 
ATOM   114 C C5     . DC  A 1 4  ? 5.315   4.453   3.755   1.00 0.00 ? 4  DC  A C5     1 
ATOM   115 C C6     . DC  A 1 4  ? 4.768   4.477   4.997   1.00 0.00 ? 4  DC  A C6     1 
ATOM   116 H "H5'"  . DC  A 1 4  ? 5.602   5.786   9.917   1.00 0.00 ? 4  DC  A "H5'"  1 
ATOM   117 H "H5''" . DC  A 1 4  ? 4.452   4.810   10.837  1.00 0.00 ? 4  DC  A "H5''" 1 
ATOM   118 H "H4'"  . DC  A 1 4  ? 3.309   6.409   9.420   1.00 0.00 ? 4  DC  A "H4'"  1 
ATOM   119 H "H3'"  . DC  A 1 4  ? 2.647   3.642   9.322   1.00 0.00 ? 4  DC  A "H3'"  1 
ATOM   120 H "H2'"  . DC  A 1 4  ? 3.394   3.404   7.115   1.00 0.00 ? 4  DC  A "H2'"  1 
ATOM   121 H "H2''" . DC  A 1 4  ? 1.743   3.982   6.752   1.00 0.00 ? 4  DC  A "H2''" 1 
ATOM   122 H "H1'"  . DC  A 1 4  ? 2.468   6.278   6.698   1.00 0.00 ? 4  DC  A "H1'"  1 
ATOM   123 H H41    . DC  A 1 4  ? 6.010   4.793   1.323   1.00 0.00 ? 4  DC  A H41    1 
ATOM   124 H H42    . DC  A 1 4  ? 5.137   6.284   1.044   1.00 0.00 ? 4  DC  A H42    1 
ATOM   125 H H5     . DC  A 1 4  ? 5.998   3.671   3.475   1.00 0.00 ? 4  DC  A H5     1 
ATOM   126 H H6     . DC  A 1 4  ? 5.019   3.715   5.725   1.00 0.00 ? 4  DC  A H6     1 
HETATM 127 P P      . 2LF A 1 5  ? -0.109  4.576   9.029   1.00 0.00 ? 5  2LF A P      1 
HETATM 128 N N1     . 2LF A 1 5  ? 0.052   6.298   1.030   1.00 0.00 ? 5  2LF A N1     1 
HETATM 129 C C2     . 2LF A 1 5  ? -0.892  7.229   1.205   1.00 0.00 ? 5  2LF A C2     1 
HETATM 130 N N2     . 2LF A 1 5  ? -1.327  7.782   0.112   1.00 0.00 ? 5  2LF A N2     1 
HETATM 131 N N3     . 2LF A 1 5  ? -1.386  7.609   2.370   1.00 0.00 ? 5  2LF A N3     1 
HETATM 132 C C4     . 2LF A 1 5  ? -0.826  6.917   3.396   1.00 0.00 ? 5  2LF A C4     1 
HETATM 133 C C5     . 2LF A 1 5  ? 0.144   5.943   3.352   1.00 0.00 ? 5  2LF A C5     1 
HETATM 134 C C6     . 2LF A 1 5  ? 0.670   5.619   2.051   1.00 0.00 ? 5  2LF A C6     1 
HETATM 135 O O6     . 2LF A 1 5  ? 1.569   4.855   1.720   1.00 0.00 ? 5  2LF A O6     1 
HETATM 136 N N7     . 2LF A 1 5  ? 0.400   5.457   4.654   1.00 0.00 ? 5  2LF A N7     1 
HETATM 137 C C8     . 2LF A 1 5  ? -0.433  6.144   5.396   1.00 0.00 ? 5  2LF A C8     1 
HETATM 138 N N9     . 2LF A 1 5  ? -1.143  7.073   4.709   1.00 0.00 ? 5  2LF A N9     1 
HETATM 139 C "C1'"  . 2LF A 1 5  ? -2.203  7.897   5.287   1.00 0.00 ? 5  2LF A "C1'"  1 
HETATM 140 C "C2'"  . 2LF A 1 5  ? -3.458  7.061   5.374   1.00 0.00 ? 5  2LF A "C2'"  1 
HETATM 141 O OP2    . 2LF A 1 5  ? -0.955  5.409   9.909   1.00 0.00 ? 5  2LF A OP2    1 
HETATM 142 C "C3'"  . 2LF A 1 5  ? -3.262  6.194   6.626   1.00 0.00 ? 5  2LF A "C3'"  1 
HETATM 143 O "O3'"  . 2LF A 1 5  ? -4.418  6.351   7.427   1.00 0.00 ? 5  2LF A "O3'"  1 
HETATM 144 C "C4'"  . 2LF A 1 5  ? -1.991  6.818   7.258   1.00 0.00 ? 5  2LF A "C4'"  1 
HETATM 145 O "O4'"  . 2LF A 1 5  ? -1.896  8.114   6.655   1.00 0.00 ? 5  2LF A "O4'"  1 
HETATM 146 C "C5'"  . 2LF A 1 5  ? -0.651  6.094   6.915   1.00 0.00 ? 5  2LF A "C5'"  1 
HETATM 147 O "O5'"  . 2LF A 1 5  ? -0.576  4.790   7.492   1.00 0.00 ? 5  2LF A "O5'"  1 
HETATM 148 H HN1    . 2LF A 1 5  ? 0.306   6.065   0.087   1.00 0.00 ? 5  2LF A HN1    1 
HETATM 149 H "H1'"  . 2LF A 1 5  ? -2.349  8.823   4.731   1.00 0.00 ? 5  2LF A "H1'"  1 
HETATM 150 H "H2'"  . 2LF A 1 5  ? -4.294  7.742   5.503   1.00 0.00 ? 5  2LF A "H2'"  1 
HETATM 151 H "H'2'" . 2LF A 1 5  ? -3.592  6.459   4.479   1.00 0.00 ? 5  2LF A "H'2'" 1 
HETATM 152 H HN2    . 2LF A 1 5  ? -0.933  7.491   -0.769  1.00 0.00 ? 5  2LF A HN2    1 
HETATM 153 H HN2A   . 2LF A 1 5  ? -2.021  8.497   0.198   1.00 0.00 ? 5  2LF A HN2A   1 
HETATM 154 H "H3'"  . 2LF A 1 5  ? -3.082  5.145   6.383   1.00 0.00 ? 5  2LF A "H3'"  1 
HETATM 155 H "H4'"  . 2LF A 1 5  ? -2.109  6.887   8.339   1.00 0.00 ? 5  2LF A "H4'"  1 
HETATM 156 H "H5'"  . 2LF A 1 5  ? 0.153   6.692   7.340   1.00 0.00 ? 5  2LF A "H5'"  1 
HETATM 157 O OP1    . 2LF A 1 5  ? 0.047   3.136   9.315   1.00 0.00 ? 5  2LF A OP1    1 
ATOM   158 P P      . DT  A 1 6  ? -5.685  5.386   7.242   1.00 0.00 ? 6  DT  A P      1 
ATOM   159 O OP1    . DT  A 1 6  ? -6.790  5.922   8.071   1.00 0.00 ? 6  DT  A OP1    1 
ATOM   160 O OP2    . DT  A 1 6  ? -5.241  3.997   7.436   1.00 0.00 ? 6  DT  A OP2    1 
ATOM   161 O "O5'"  . DT  A 1 6  ? -6.126  5.533   5.698   1.00 0.00 ? 6  DT  A "O5'"  1 
ATOM   162 C "C5'"  . DT  A 1 6  ? -6.895  6.637   5.240   1.00 0.00 ? 6  DT  A "C5'"  1 
ATOM   163 C "C4'"  . DT  A 1 6  ? -7.076  6.635   3.712   1.00 0.00 ? 6  DT  A "C4'"  1 
ATOM   164 O "O4'"  . DT  A 1 6  ? -5.818  6.548   3.050   1.00 0.00 ? 6  DT  A "O4'"  1 
ATOM   165 C "C3'"  . DT  A 1 6  ? -7.978  5.504   3.205   1.00 0.00 ? 6  DT  A "C3'"  1 
ATOM   166 O "O3'"  . DT  A 1 6  ? -8.900  6.049   2.267   1.00 0.00 ? 6  DT  A "O3'"  1 
ATOM   167 C "C2'"  . DT  A 1 6  ? -6.980  4.545   2.574   1.00 0.00 ? 6  DT  A "C2'"  1 
ATOM   168 C "C1'"  . DT  A 1 6  ? -5.829  5.456   2.139   1.00 0.00 ? 6  DT  A "C1'"  1 
ATOM   169 N N1     . DT  A 1 6  ? -4.508  4.763   2.138   1.00 0.00 ? 6  DT  A N1     1 
ATOM   170 C C2     . DT  A 1 6  ? -3.777  4.710   0.940   1.00 0.00 ? 6  DT  A C2     1 
ATOM   171 O O2     . DT  A 1 6  ? -4.139  5.255   -0.100  1.00 0.00 ? 6  DT  A O2     1 
ATOM   172 N N3     . DT  A 1 6  ? -2.605  3.988   0.954   1.00 0.00 ? 6  DT  A N3     1 
ATOM   173 C C4     . DT  A 1 6  ? -2.078  3.340   2.049   1.00 0.00 ? 6  DT  A C4     1 
ATOM   174 O O4     . DT  A 1 6  ? -1.027  2.726   1.917   1.00 0.00 ? 6  DT  A O4     1 
ATOM   175 C C5     . DT  A 1 6  ? -2.858  3.472   3.280   1.00 0.00 ? 6  DT  A C5     1 
ATOM   176 C C7     . DT  A 1 6  ? -2.366  2.836   4.570   1.00 0.00 ? 6  DT  A C7     1 
ATOM   177 C C6     . DT  A 1 6  ? -4.033  4.155   3.284   1.00 0.00 ? 6  DT  A C6     1 
ATOM   178 H "H5'"  . DT  A 1 6  ? -6.415  7.568   5.536   1.00 0.00 ? 6  DT  A "H5'"  1 
ATOM   179 H "H5''" . DT  A 1 6  ? -7.876  6.605   5.711   1.00 0.00 ? 6  DT  A "H5''" 1 
ATOM   180 H "H4'"  . DT  A 1 6  ? -7.542  7.580   3.433   1.00 0.00 ? 6  DT  A "H4'"  1 
ATOM   181 H "H3'"  . DT  A 1 6  ? -8.511  5.024   4.029   1.00 0.00 ? 6  DT  A "H3'"  1 
ATOM   182 H "H2'"  . DT  A 1 6  ? -6.660  3.824   3.326   1.00 0.00 ? 6  DT  A "H2'"  1 
ATOM   183 H "H2''" . DT  A 1 6  ? -7.410  4.024   1.723   1.00 0.00 ? 6  DT  A "H2''" 1 
ATOM   184 H "H1'"  . DT  A 1 6  ? -6.055  5.831   1.135   1.00 0.00 ? 6  DT  A "H1'"  1 
ATOM   185 H H3     . DT  A 1 6  ? -2.113  3.884   0.078   1.00 0.00 ? 6  DT  A H3     1 
ATOM   186 H H71    . DT  A 1 6  ? -2.220  1.769   4.402   1.00 0.00 ? 6  DT  A H71    1 
ATOM   187 H H72    . DT  A 1 6  ? -1.404  3.269   4.846   1.00 0.00 ? 6  DT  A H72    1 
ATOM   188 H H73    . DT  A 1 6  ? -3.079  2.977   5.384   1.00 0.00 ? 6  DT  A H73    1 
ATOM   189 H H6     . DT  A 1 6  ? -4.602  4.243   4.202   1.00 0.00 ? 6  DT  A H6     1 
ATOM   190 P P      . DG  A 1 7  ? -10.101 5.194   1.614   1.00 0.00 ? 7  DG  A P      1 
ATOM   191 O OP1    . DG  A 1 7  ? -11.167 6.146   1.228   1.00 0.00 ? 7  DG  A OP1    1 
ATOM   192 O OP2    . DG  A 1 7  ? -10.421 4.067   2.517   1.00 0.00 ? 7  DG  A OP2    1 
ATOM   193 O "O5'"  . DG  A 1 7  ? -9.427  4.610   0.273   1.00 0.00 ? 7  DG  A "O5'"  1 
ATOM   194 C "C5'"  . DG  A 1 7  ? -9.022  5.487   -0.769  1.00 0.00 ? 7  DG  A "C5'"  1 
ATOM   195 C "C4'"  . DG  A 1 7  ? -8.307  4.778   -1.928  1.00 0.00 ? 7  DG  A "C4'"  1 
ATOM   196 O "O4'"  . DG  A 1 7  ? -7.053  4.272   -1.493  1.00 0.00 ? 7  DG  A "O4'"  1 
ATOM   197 C "C3'"  . DG  A 1 7  ? -9.100  3.627   -2.565  1.00 0.00 ? 7  DG  A "C3'"  1 
ATOM   198 O "O3'"  . DG  A 1 7  ? -9.244  3.889   -3.958  1.00 0.00 ? 7  DG  A "O3'"  1 
ATOM   199 C "C2'"  . DG  A 1 7  ? -8.203  2.420   -2.289  1.00 0.00 ? 7  DG  A "C2'"  1 
ATOM   200 C "C1'"  . DG  A 1 7  ? -6.814  3.042   -2.151  1.00 0.00 ? 7  DG  A "C1'"  1 
ATOM   201 N N9     . DG  A 1 7  ? -5.875  2.226   -1.343  1.00 0.00 ? 7  DG  A N9     1 
ATOM   202 C C8     . DG  A 1 7  ? -5.924  1.979   0.004   1.00 0.00 ? 7  DG  A C8     1 
ATOM   203 N N7     . DG  A 1 7  ? -4.941  1.254   0.461   1.00 0.00 ? 7  DG  A N7     1 
ATOM   204 C C5     . DG  A 1 7  ? -4.176  0.977   -0.684  1.00 0.00 ? 7  DG  A C5     1 
ATOM   205 C C6     . DG  A 1 7  ? -2.973  0.203   -0.881  1.00 0.00 ? 7  DG  A C6     1 
ATOM   206 O O6     . DG  A 1 7  ? -2.277  -0.401  -0.066  1.00 0.00 ? 7  DG  A O6     1 
ATOM   207 N N1     . DG  A 1 7  ? -2.580  0.133   -2.202  1.00 0.00 ? 7  DG  A N1     1 
ATOM   208 C C2     . DG  A 1 7  ? -3.215  0.763   -3.216  1.00 0.00 ? 7  DG  A C2     1 
ATOM   209 N N2     . DG  A 1 7  ? -2.734  0.605   -4.416  1.00 0.00 ? 7  DG  A N2     1 
ATOM   210 N N3     . DG  A 1 7  ? -4.319  1.494   -3.086  1.00 0.00 ? 7  DG  A N3     1 
ATOM   211 C C4     . DG  A 1 7  ? -4.755  1.565   -1.793  1.00 0.00 ? 7  DG  A C4     1 
ATOM   212 H "H5'"  . DG  A 1 7  ? -8.347  6.241   -0.360  1.00 0.00 ? 7  DG  A "H5'"  1 
ATOM   213 H "H5''" . DG  A 1 7  ? -9.904  5.996   -1.160  1.00 0.00 ? 7  DG  A "H5''" 1 
ATOM   214 H "H4'"  . DG  A 1 7  ? -8.116  5.519   -2.705  1.00 0.00 ? 7  DG  A "H4'"  1 
ATOM   215 H "H3'"  . DG  A 1 7  ? -10.078 3.513   -2.088  1.00 0.00 ? 7  DG  A "H3'"  1 
ATOM   216 H "H2'"  . DG  A 1 7  ? -8.512  1.954   -1.354  1.00 0.00 ? 7  DG  A "H2'"  1 
ATOM   217 H "H2''" . DG  A 1 7  ? -8.234  1.704   -3.106  1.00 0.00 ? 7  DG  A "H2''" 1 
ATOM   218 H "H1'"  . DG  A 1 7  ? -6.391  3.217   -3.144  1.00 0.00 ? 7  DG  A "H1'"  1 
ATOM   219 H H8     . DG  A 1 7  ? -6.717  2.365   0.624   1.00 0.00 ? 7  DG  A H8     1 
ATOM   220 H H1     . DG  A 1 7  ? -1.735  -0.380  -2.406  1.00 0.00 ? 7  DG  A H1     1 
ATOM   221 H H21    . DG  A 1 7  ? -3.180  1.108   -5.156  1.00 0.00 ? 7  DG  A H21    1 
ATOM   222 H H22    . DG  A 1 7  ? -1.920  0.011   -4.587  1.00 0.00 ? 7  DG  A H22    1 
ATOM   223 P P      . DT  A 1 8  ? -10.197 3.018   -4.924  1.00 0.00 ? 8  DT  A P      1 
ATOM   224 O OP1    . DT  A 1 8  ? -10.677 3.906   -6.006  1.00 0.00 ? 8  DT  A OP1    1 
ATOM   225 O OP2    . DT  A 1 8  ? -11.179 2.288   -4.091  1.00 0.00 ? 8  DT  A OP2    1 
ATOM   226 O "O5'"  . DT  A 1 8  ? -9.171  1.945   -5.554  1.00 0.00 ? 8  DT  A "O5'"  1 
ATOM   227 C "C5'"  . DT  A 1 8  ? -8.164  2.370   -6.462  1.00 0.00 ? 8  DT  A "C5'"  1 
ATOM   228 C "C4'"  . DT  A 1 8  ? -7.228  1.249   -6.943  1.00 0.00 ? 8  DT  A "C4'"  1 
ATOM   229 O "O4'"  . DT  A 1 8  ? -6.415  0.798   -5.869  1.00 0.00 ? 8  DT  A "O4'"  1 
ATOM   230 C "C3'"  . DT  A 1 8  ? -7.929  0.034   -7.572  1.00 0.00 ? 8  DT  A "C3'"  1 
ATOM   231 O "O3'"  . DT  A 1 8  ? -7.510  -0.115  -8.926  1.00 0.00 ? 8  DT  A "O3'"  1 
ATOM   232 C "C2'"  . DT  A 1 8  ? -7.465  -1.112  -6.671  1.00 0.00 ? 8  DT  A "C2'"  1 
ATOM   233 C "C1'"  . DT  A 1 8  ? -6.182  -0.588  -6.025  1.00 0.00 ? 8  DT  A "C1'"  1 
ATOM   234 N N1     . DT  A 1 8  ? -5.900  -1.193  -4.692  1.00 0.00 ? 8  DT  A N1     1 
ATOM   235 C C2     . DT  A 1 8  ? -4.759  -1.995  -4.539  1.00 0.00 ? 8  DT  A C2     1 
ATOM   236 O O2     . DT  A 1 8  ? -4.018  -2.304  -5.461  1.00 0.00 ? 8  DT  A O2     1 
ATOM   237 N N3     . DT  A 1 8  ? -4.505  -2.476  -3.275  1.00 0.00 ? 8  DT  A N3     1 
ATOM   238 C C4     . DT  A 1 8  ? -5.288  -2.271  -2.162  1.00 0.00 ? 8  DT  A C4     1 
ATOM   239 O O4     . DT  A 1 8  ? -4.948  -2.768  -1.093  1.00 0.00 ? 8  DT  A O4     1 
ATOM   240 C C5     . DT  A 1 8  ? -6.485  -1.465  -2.396  1.00 0.00 ? 8  DT  A C5     1 
ATOM   241 C C7     . DT  A 1 8  ? -7.448  -1.190  -1.255  1.00 0.00 ? 8  DT  A C7     1 
ATOM   242 C C6     . DT  A 1 8  ? -6.746  -0.955  -3.629  1.00 0.00 ? 8  DT  A C6     1 
ATOM   243 H "H5'"  . DT  A 1 8  ? -7.557  3.140   -5.982  1.00 0.00 ? 8  DT  A "H5'"  1 
ATOM   244 H "H5''" . DT  A 1 8  ? -8.652  2.811   -7.333  1.00 0.00 ? 8  DT  A "H5''" 1 
ATOM   245 H "H4'"  . DT  A 1 8  ? -6.572  1.672   -7.703  1.00 0.00 ? 8  DT  A "H4'"  1 
ATOM   246 H "H3'"  . DT  A 1 8  ? -9.014  0.144   -7.525  1.00 0.00 ? 8  DT  A "H3'"  1 
ATOM   247 H "H2'"  . DT  A 1 8  ? -8.229  -1.300  -5.919  1.00 0.00 ? 8  DT  A "H2'"  1 
ATOM   248 H "H2''" . DT  A 1 8  ? -7.265  -2.014  -7.241  1.00 0.00 ? 8  DT  A "H2''" 1 
ATOM   249 H "H1'"  . DT  A 1 8  ? -5.344  -0.754  -6.710  1.00 0.00 ? 8  DT  A "H1'"  1 
ATOM   250 H H3     . DT  A 1 8  ? -3.658  -3.019  -3.153  1.00 0.00 ? 8  DT  A H3     1 
ATOM   251 H H71    . DT  A 1 8  ? -7.826  -2.139  -0.875  1.00 0.00 ? 8  DT  A H71    1 
ATOM   252 H H72    . DT  A 1 8  ? -6.912  -0.692  -0.447  1.00 0.00 ? 8  DT  A H72    1 
ATOM   253 H H73    . DT  A 1 8  ? -8.279  -0.568  -1.584  1.00 0.00 ? 8  DT  A H73    1 
ATOM   254 H H6     . DT  A 1 8  ? -7.613  -0.331  -3.795  1.00 0.00 ? 8  DT  A H6     1 
ATOM   255 P P      . DT  A 1 9  ? -8.139  -1.216  -9.937  1.00 0.00 ? 9  DT  A P      1 
ATOM   256 O OP1    . DT  A 1 9  ? -7.972  -0.717  -11.322 1.00 0.00 ? 9  DT  A OP1    1 
ATOM   257 O OP2    . DT  A 1 9  ? -9.487  -1.583  -9.450  1.00 0.00 ? 9  DT  A OP2    1 
ATOM   258 O "O5'"  . DT  A 1 9  ? -7.166  -2.488  -9.721  1.00 0.00 ? 9  DT  A "O5'"  1 
ATOM   259 C "C5'"  . DT  A 1 9  ? -5.796  -2.450  -10.115 1.00 0.00 ? 9  DT  A "C5'"  1 
ATOM   260 C "C4'"  . DT  A 1 9  ? -4.968  -3.623  -9.555  1.00 0.00 ? 9  DT  A "C4'"  1 
ATOM   261 O "O4'"  . DT  A 1 9  ? -4.998  -3.593  -8.138  1.00 0.00 ? 9  DT  A "O4'"  1 
ATOM   262 C "C3'"  . DT  A 1 9  ? -5.405  -5.028  -10.002 1.00 0.00 ? 9  DT  A "C3'"  1 
ATOM   263 O "O3'"  . DT  A 1 9  ? -4.454  -5.603  -10.896 1.00 0.00 ? 9  DT  A "O3'"  1 
ATOM   264 C "C2'"  . DT  A 1 9  ? -5.487  -5.800  -8.680  1.00 0.00 ? 9  DT  A "C2'"  1 
ATOM   265 C "C1'"  . DT  A 1 9  ? -4.773  -4.906  -7.669  1.00 0.00 ? 9  DT  A "C1'"  1 
ATOM   266 N N1     . DT  A 1 9  ? -5.314  -5.055  -6.292  1.00 0.00 ? 9  DT  A N1     1 
ATOM   267 C C2     . DT  A 1 9  ? -4.512  -5.654  -5.313  1.00 0.00 ? 9  DT  A C2     1 
ATOM   268 O O2     . DT  A 1 9  ? -3.407  -6.132  -5.535  1.00 0.00 ? 9  DT  A O2     1 
ATOM   269 N N3     . DT  A 1 9  ? -5.039  -5.735  -4.048  1.00 0.00 ? 9  DT  A N3     1 
ATOM   270 C C4     . DT  A 1 9  ? -6.288  -5.300  -3.664  1.00 0.00 ? 9  DT  A C4     1 
ATOM   271 O O4     . DT  A 1 9  ? -6.641  -5.444  -2.497  1.00 0.00 ? 9  DT  A O4     1 
ATOM   272 C C5     . DT  A 1 9  ? -7.081  -4.695  -4.735  1.00 0.00 ? 9  DT  A C5     1 
ATOM   273 C C7     . DT  A 1 9  ? -8.482  -4.181  -4.455  1.00 0.00 ? 9  DT  A C7     1 
ATOM   274 C C6     . DT  A 1 9  ? -6.581  -4.599  -5.995  1.00 0.00 ? 9  DT  A C6     1 
ATOM   275 H "H5'"  . DT  A 1 9  ? -5.348  -1.522  -9.755  1.00 0.00 ? 9  DT  A "H5'"  1 
ATOM   276 H "H5''" . DT  A 1 9  ? -5.734  -2.454  -11.205 1.00 0.00 ? 9  DT  A "H5''" 1 
ATOM   277 H "H4'"  . DT  A 1 9  ? -3.933  -3.489  -9.871  1.00 0.00 ? 9  DT  A "H4'"  1 
ATOM   278 H "H3'"  . DT  A 1 9  ? -6.388  -4.980  -10.475 1.00 0.00 ? 9  DT  A "H3'"  1 
ATOM   279 H "H2'"  . DT  A 1 9  ? -6.534  -5.934  -8.414  1.00 0.00 ? 9  DT  A "H2'"  1 
ATOM   280 H "H2''" . DT  A 1 9  ? -4.991  -6.765  -8.731  1.00 0.00 ? 9  DT  A "H2''" 1 
ATOM   281 H "H1'"  . DT  A 1 9  ? -3.699  -5.124  -7.684  1.00 0.00 ? 9  DT  A "H1'"  1 
ATOM   282 H H3     . DT  A 1 9  ? -4.453  -6.173  -3.348  1.00 0.00 ? 9  DT  A H3     1 
ATOM   283 H H71    . DT  A 1 9  ? -8.937  -3.770  -5.357  1.00 0.00 ? 9  DT  A H71    1 
ATOM   284 H H72    . DT  A 1 9  ? -9.091  -5.003  -4.077  1.00 0.00 ? 9  DT  A H72    1 
ATOM   285 H H73    . DT  A 1 9  ? -8.434  -3.409  -3.688  1.00 0.00 ? 9  DT  A H73    1 
ATOM   286 H H6     . DT  A 1 9  ? -7.156  -4.148  -6.791  1.00 0.00 ? 9  DT  A H6     1 
ATOM   287 P P      . DT  A 1 10 ? -4.738  -6.986  -11.690 1.00 0.00 ? 10 DT  A P      1 
ATOM   288 O OP1    . DT  A 1 10 ? -3.857  -7.035  -12.879 1.00 0.00 ? 10 DT  A OP1    1 
ATOM   289 O OP2    . DT  A 1 10 ? -6.200  -7.126  -11.867 1.00 0.00 ? 10 DT  A OP2    1 
ATOM   290 O "O5'"  . DT  A 1 10 ? -4.251  -8.127  -10.656 1.00 0.00 ? 10 DT  A "O5'"  1 
ATOM   291 C "C5'"  . DT  A 1 10 ? -2.870  -8.306  -10.359 1.00 0.00 ? 10 DT  A "C5'"  1 
ATOM   292 C "C4'"  . DT  A 1 10 ? -2.624  -9.299  -9.210  1.00 0.00 ? 10 DT  A "C4'"  1 
ATOM   293 O "O4'"  . DT  A 1 10 ? -3.173  -8.782  -8.006  1.00 0.00 ? 10 DT  A "O4'"  1 
ATOM   294 C "C3'"  . DT  A 1 10 ? -3.189  -10.717 -9.414  1.00 0.00 ? 10 DT  A "C3'"  1 
ATOM   295 O "O3'"  . DT  A 1 10 ? -2.142  -11.667 -9.618  1.00 0.00 ? 10 DT  A "O3'"  1 
ATOM   296 C "C2'"  . DT  A 1 10 ? -3.933  -10.978 -8.102  1.00 0.00 ? 10 DT  A "C2'"  1 
ATOM   297 C "C1'"  . DT  A 1 10 ? -3.469  -9.869  -7.158  1.00 0.00 ? 10 DT  A "C1'"  1 
ATOM   298 N N1     . DT  A 1 10 ? -4.519  -9.493  -6.174  1.00 0.00 ? 10 DT  A N1     1 
ATOM   299 C C2     . DT  A 1 10 ? -4.333  -9.833  -4.827  1.00 0.00 ? 10 DT  A C2     1 
ATOM   300 O O2     . DT  A 1 10 ? -3.368  -10.466 -4.410  1.00 0.00 ? 10 DT  A O2     1 
ATOM   301 N N3     . DT  A 1 10 ? -5.326  -9.462  -3.951  1.00 0.00 ? 10 DT  A N3     1 
ATOM   302 C C4     . DT  A 1 10 ? -6.522  -8.872  -4.295  1.00 0.00 ? 10 DT  A C4     1 
ATOM   303 O O4     . DT  A 1 10 ? -7.344  -8.629  -3.415  1.00 0.00 ? 10 DT  A O4     1 
ATOM   304 C C5     . DT  A 1 10 ? -6.681  -8.597  -5.725  1.00 0.00 ? 10 DT  A C5     1 
ATOM   305 C C7     . DT  A 1 10 ? -7.969  -7.982  -6.247  1.00 0.00 ? 10 DT  A C7     1 
ATOM   306 C C6     . DT  A 1 10 ? -5.687  -8.899  -6.602  1.00 0.00 ? 10 DT  A C6     1 
ATOM   307 H "H5'"  . DT  A 1 10 ? -2.440  -7.345  -10.073 1.00 0.00 ? 10 DT  A "H5'"  1 
ATOM   308 H "H5''" . DT  A 1 10 ? -2.356  -8.659  -11.253 1.00 0.00 ? 10 DT  A "H5''" 1 
ATOM   309 H "H4'"  . DT  A 1 10 ? -1.547  -9.394  -9.072  1.00 0.00 ? 10 DT  A "H4'"  1 
ATOM   310 H "H3'"  . DT  A 1 10 ? -3.882  -10.726 -10.258 1.00 0.00 ? 10 DT  A "H3'"  1 
ATOM   311 H "H2'"  . DT  A 1 10 ? -5.003  -10.918 -8.289  1.00 0.00 ? 10 DT  A "H2'"  1 
ATOM   312 H "H2''" . DT  A 1 10 ? -3.683  -11.944 -7.675  1.00 0.00 ? 10 DT  A "H2''" 1 
ATOM   313 H "H1'"  . DT  A 1 10 ? -2.557  -10.186 -6.643  1.00 0.00 ? 10 DT  A "H1'"  1 
ATOM   314 H H3     . DT  A 1 10 ? -5.174  -9.684  -2.978  1.00 0.00 ? 10 DT  A H3     1 
ATOM   315 H H71    . DT  A 1 10 ? -8.156  -7.045  -5.727  1.00 0.00 ? 10 DT  A H71    1 
ATOM   316 H H72    . DT  A 1 10 ? -7.909  -7.798  -7.320  1.00 0.00 ? 10 DT  A H72    1 
ATOM   317 H H73    . DT  A 1 10 ? -8.795  -8.660  -6.036  1.00 0.00 ? 10 DT  A H73    1 
ATOM   318 H H6     . DT  A 1 10 ? -5.791  -8.684  -7.658  1.00 0.00 ? 10 DT  A H6     1 
ATOM   319 P P      . DG  A 1 11 ? -2.430  -13.209 -10.026 1.00 0.00 ? 11 DG  A P      1 
ATOM   320 O OP1    . DG  A 1 11 ? -1.228  -13.743 -10.706 1.00 0.00 ? 11 DG  A OP1    1 
ATOM   321 O OP2    . DG  A 1 11 ? -3.743  -13.290 -10.698 1.00 0.00 ? 11 DG  A OP2    1 
ATOM   322 O "O5'"  . DG  A 1 11 ? -2.564  -13.964 -8.606  1.00 0.00 ? 11 DG  A "O5'"  1 
ATOM   323 C "C5'"  . DG  A 1 11 ? -1.431  -14.137 -7.766  1.00 0.00 ? 11 DG  A "C5'"  1 
ATOM   324 C "C4'"  . DG  A 1 11 ? -1.759  -14.846 -6.441  1.00 0.00 ? 11 DG  A "C4'"  1 
ATOM   325 O "O4'"  . DG  A 1 11 ? -2.509  -13.976 -5.597  1.00 0.00 ? 11 DG  A "O4'"  1 
ATOM   326 C "C3'"  . DG  A 1 11 ? -2.528  -16.170 -6.605  1.00 0.00 ? 11 DG  A "C3'"  1 
ATOM   327 O "O3'"  . DG  A 1 11 ? -1.831  -17.235 -5.951  1.00 0.00 ? 11 DG  A "O3'"  1 
ATOM   328 C "C2'"  . DG  A 1 11 ? -3.865  -15.815 -5.955  1.00 0.00 ? 11 DG  A "C2'"  1 
ATOM   329 C "C1'"  . DG  A 1 11 ? -3.520  -14.717 -4.945  1.00 0.00 ? 11 DG  A "C1'"  1 
ATOM   330 N N9     . DG  A 1 11 ? -4.684  -13.852 -4.614  1.00 0.00 ? 11 DG  A N9     1 
ATOM   331 C C8     . DG  A 1 11 ? -5.458  -13.119 -5.480  1.00 0.00 ? 11 DG  A C8     1 
ATOM   332 N N7     . DG  A 1 11 ? -6.504  -12.556 -4.935  1.00 0.00 ? 11 DG  A N7     1 
ATOM   333 C C5     . DG  A 1 11 ? -6.401  -12.911 -3.582  1.00 0.00 ? 11 DG  A C5     1 
ATOM   334 C C6     . DG  A 1 11 ? -7.256  -12.639 -2.450  1.00 0.00 ? 11 DG  A C6     1 
ATOM   335 O O6     . DG  A 1 11 ? -8.324  -12.026 -2.387  1.00 0.00 ? 11 DG  A O6     1 
ATOM   336 N N1     . DG  A 1 11 ? -6.806  -13.202 -1.273  1.00 0.00 ? 11 DG  A N1     1 
ATOM   337 C C2     . DG  A 1 11 ? -5.676  -13.937 -1.174  1.00 0.00 ? 11 DG  A C2     1 
ATOM   338 N N2     . DG  A 1 11 ? -5.363  -14.382 0.012   1.00 0.00 ? 11 DG  A N2     1 
ATOM   339 N N3     . DG  A 1 11 ? -4.884  -14.262 -2.194  1.00 0.00 ? 11 DG  A N3     1 
ATOM   340 C C4     . DG  A 1 11 ? -5.286  -13.702 -3.379  1.00 0.00 ? 11 DG  A C4     1 
ATOM   341 H "H5'"  . DG  A 1 11 ? -0.997  -13.162 -7.540  1.00 0.00 ? 11 DG  A "H5'"  1 
ATOM   342 H "H5''" . DG  A 1 11 ? -0.686  -14.724 -8.303  1.00 0.00 ? 11 DG  A "H5''" 1 
ATOM   343 H "H4'"  . DG  A 1 11 ? -0.817  -15.068 -5.942  1.00 0.00 ? 11 DG  A "H4'"  1 
ATOM   344 H "H3'"  . DG  A 1 11 ? -2.672  -16.411 -7.660  1.00 0.00 ? 11 DG  A "H3'"  1 
ATOM   345 H "H2'"  . DG  A 1 11 ? -4.526  -15.424 -6.727  1.00 0.00 ? 11 DG  A "H2'"  1 
ATOM   346 H "H2''" . DG  A 1 11 ? -4.315  -16.672 -5.475  1.00 0.00 ? 11 DG  A "H2''" 1 
ATOM   347 H "H1'"  . DG  A 1 11 ? -3.120  -15.163 -4.032  1.00 0.00 ? 11 DG  A "H1'"  1 
ATOM   348 H H8     . DG  A 1 11 ? -5.222  -13.046 -6.532  1.00 0.00 ? 11 DG  A H8     1 
ATOM   349 H H1     . DG  A 1 11 ? -7.307  -12.963 -0.430  1.00 0.00 ? 11 DG  A H1     1 
ATOM   350 H H21    . DG  A 1 11 ? -4.451  -14.786 0.098   1.00 0.00 ? 11 DG  A H21    1 
ATOM   351 H H22    . DG  A 1 11 ? -5.915  -14.119 0.824   1.00 0.00 ? 11 DG  A H22    1 
ATOM   352 P P      . DT  A 1 12 ? -2.374  -18.758 -5.894  1.00 0.00 ? 12 DT  A P      1 
ATOM   353 O OP1    . DT  A 1 12 ? -1.230  -19.687 -5.752  1.00 0.00 ? 12 DT  A OP1    1 
ATOM   354 O OP2    . DT  A 1 12 ? -3.380  -18.979 -6.952  1.00 0.00 ? 12 DT  A OP2    1 
ATOM   355 O "O5'"  . DT  A 1 12 ? -3.151  -18.758 -4.490  1.00 0.00 ? 12 DT  A "O5'"  1 
ATOM   356 C "C5'"  . DT  A 1 12 ? -2.455  -18.479 -3.286  1.00 0.00 ? 12 DT  A "C5'"  1 
ATOM   357 C "C4'"  . DT  A 1 12 ? -3.372  -18.622 -2.068  1.00 0.00 ? 12 DT  A "C4'"  1 
ATOM   358 O "O4'"  . DT  A 1 12 ? -4.321  -17.572 -2.065  1.00 0.00 ? 12 DT  A "O4'"  1 
ATOM   359 C "C3'"  . DT  A 1 12 ? -4.137  -19.960 -2.054  1.00 0.00 ? 12 DT  A "C3'"  1 
ATOM   360 O "O3'"  . DT  A 1 12 ? -4.014  -20.647 -0.816  1.00 0.00 ? 12 DT  A "O3'"  1 
ATOM   361 C "C2'"  . DT  A 1 12 ? -5.583  -19.525 -2.254  1.00 0.00 ? 12 DT  A "C2'"  1 
ATOM   362 C "C1'"  . DT  A 1 12 ? -5.578  -18.099 -1.700  1.00 0.00 ? 12 DT  A "C1'"  1 
ATOM   363 N N1     . DT  A 1 12 ? -6.673  -17.272 -2.264  1.00 0.00 ? 12 DT  A N1     1 
ATOM   364 C C2     . DT  A 1 12 ? -7.709  -16.886 -1.412  1.00 0.00 ? 12 DT  A C2     1 
ATOM   365 O O2     . DT  A 1 12 ? -7.823  -17.276 -0.253  1.00 0.00 ? 12 DT  A O2     1 
ATOM   366 N N3     . DT  A 1 12 ? -8.686  -16.093 -1.958  1.00 0.00 ? 12 DT  A N3     1 
ATOM   367 C C4     . DT  A 1 12 ? -8.810  -15.755 -3.284  1.00 0.00 ? 12 DT  A C4     1 
ATOM   368 O O4     . DT  A 1 12 ? -9.811  -15.138 -3.638  1.00 0.00 ? 12 DT  A O4     1 
ATOM   369 C C5     . DT  A 1 12 ? -7.725  -16.234 -4.140  1.00 0.00 ? 12 DT  A C5     1 
ATOM   370 C C7     . DT  A 1 12 ? -7.738  -15.937 -5.630  1.00 0.00 ? 12 DT  A C7     1 
ATOM   371 C C6     . DT  A 1 12 ? -6.702  -16.958 -3.608  1.00 0.00 ? 12 DT  A C6     1 
ATOM   372 H "H5'"  . DT  A 1 12 ? -2.057  -17.462 -3.317  1.00 0.00 ? 12 DT  A "H5'"  1 
ATOM   373 H "H5''" . DT  A 1 12 ? -1.619  -19.173 -3.191  1.00 0.00 ? 12 DT  A "H5''" 1 
ATOM   374 H "H4'"  . DT  A 1 12 ? -2.768  -18.538 -1.166  1.00 0.00 ? 12 DT  A "H4'"  1 
ATOM   375 H "H3'"  . DT  A 1 12 ? -3.823  -20.599 -2.883  1.00 0.00 ? 12 DT  A "H3'"  1 
ATOM   376 H "HO3'" . DT  A 1 12 ? -3.088  -20.857 -0.673  1.00 0.00 ? 12 DT  A "HO3'" 1 
ATOM   377 H "H2'"  . DT  A 1 12 ? -5.809  -19.524 -3.320  1.00 0.00 ? 12 DT  A "H2'"  1 
ATOM   378 H "H2''" . DT  A 1 12 ? -6.284  -20.157 -1.711  1.00 0.00 ? 12 DT  A "H2''" 1 
ATOM   379 H "H1'"  . DT  A 1 12 ? -5.644  -18.129 -0.608  1.00 0.00 ? 12 DT  A "H1'"  1 
ATOM   380 H H3     . DT  A 1 12 ? -9.354  -15.695 -1.316  1.00 0.00 ? 12 DT  A H3     1 
ATOM   381 H H71    . DT  A 1 12 ? -6.865  -16.356 -6.126  1.00 0.00 ? 12 DT  A H71    1 
ATOM   382 H H72    . DT  A 1 12 ? -8.643  -16.353 -6.071  1.00 0.00 ? 12 DT  A H72    1 
ATOM   383 H H73    . DT  A 1 12 ? -7.756  -14.857 -5.780  1.00 0.00 ? 12 DT  A H73    1 
ATOM   384 H H6     . DT  A 1 12 ? -5.883  -17.296 -4.228  1.00 0.00 ? 12 DT  A H6     1 
ATOM   385 O "O5'"  . DA  B 2 1  ? -17.337 -14.375 4.614   1.00 0.00 ? 13 DA  B "O5'"  1 
ATOM   386 C "C5'"  . DA  B 2 1  ? -16.576 -13.360 5.250   1.00 0.00 ? 13 DA  B "C5'"  1 
ATOM   387 C "C4'"  . DA  B 2 1  ? -15.123 -13.825 5.415   1.00 0.00 ? 13 DA  B "C4'"  1 
ATOM   388 O "O4'"  . DA  B 2 1  ? -14.622 -14.178 4.129   1.00 0.00 ? 13 DA  B "O4'"  1 
ATOM   389 C "C3'"  . DA  B 2 1  ? -14.224 -12.720 5.978   1.00 0.00 ? 13 DA  B "C3'"  1 
ATOM   390 O "O3'"  . DA  B 2 1  ? -13.444 -13.259 7.025   1.00 0.00 ? 13 DA  B "O3'"  1 
ATOM   391 C "C2'"  . DA  B 2 1  ? -13.374 -12.306 4.782   1.00 0.00 ? 13 DA  B "C2'"  1 
ATOM   392 C "C1'"  . DA  B 2 1  ? -13.342 -13.588 3.961   1.00 0.00 ? 13 DA  B "C1'"  1 
ATOM   393 N N9     . DA  B 2 1  ? -13.113 -13.329 2.524   1.00 0.00 ? 13 DA  B N9     1 
ATOM   394 C C8     . DA  B 2 1  ? -13.814 -12.500 1.683   1.00 0.00 ? 13 DA  B C8     1 
ATOM   395 N N7     . DA  B 2 1  ? -13.399 -12.499 0.447   1.00 0.00 ? 13 DA  B N7     1 
ATOM   396 C C5     . DA  B 2 1  ? -12.313 -13.396 0.489   1.00 0.00 ? 13 DA  B C5     1 
ATOM   397 C C6     . DA  B 2 1  ? -11.399 -13.912 -0.461  1.00 0.00 ? 13 DA  B C6     1 
ATOM   398 N N6     . DA  B 2 1  ? -11.370 -13.579 -1.737  1.00 0.00 ? 13 DA  B N6     1 
ATOM   399 N N1     . DA  B 2 1  ? -10.503 -14.833 -0.119  1.00 0.00 ? 13 DA  B N1     1 
ATOM   400 C C2     . DA  B 2 1  ? -10.437 -15.211 1.150   1.00 0.00 ? 13 DA  B C2     1 
ATOM   401 N N3     . DA  B 2 1  ? -11.226 -14.832 2.147   1.00 0.00 ? 13 DA  B N3     1 
ATOM   402 C C4     . DA  B 2 1  ? -12.142 -13.911 1.747   1.00 0.00 ? 13 DA  B C4     1 
ATOM   403 H "H5'"  . DA  B 2 1  ? -16.998 -13.142 6.232   1.00 0.00 ? 13 DA  B "H5'"  1 
ATOM   404 H "H5''" . DA  B 2 1  ? -16.590 -12.452 4.646   1.00 0.00 ? 13 DA  B "H5''" 1 
ATOM   405 H "H4'"  . DA  B 2 1  ? -15.084 -14.686 6.084   1.00 0.00 ? 13 DA  B "H4'"  1 
ATOM   406 H "H3'"  . DA  B 2 1  ? -14.808 -11.877 6.354   1.00 0.00 ? 13 DA  B "H3'"  1 
ATOM   407 H "H2'"  . DA  B 2 1  ? -13.873 -11.499 4.248   1.00 0.00 ? 13 DA  B "H2'"  1 
ATOM   408 H "H2''" . DA  B 2 1  ? -12.369 -11.996 5.073   1.00 0.00 ? 13 DA  B "H2''" 1 
ATOM   409 H "H1'"  . DA  B 2 1  ? -12.556 -14.244 4.358   1.00 0.00 ? 13 DA  B "H1'"  1 
ATOM   410 H H8     . DA  B 2 1  ? -14.655 -11.910 2.021   1.00 0.00 ? 13 DA  B H8     1 
ATOM   411 H H61    . DA  B 2 1  ? -11.897 -12.782 -2.036  1.00 0.00 ? 13 DA  B H61    1 
ATOM   412 H H62    . DA  B 2 1  ? -10.634 -13.967 -2.319  1.00 0.00 ? 13 DA  B H62    1 
ATOM   413 H H2     . DA  B 2 1  ? -9.668  -15.933 1.392   1.00 0.00 ? 13 DA  B H2     1 
ATOM   414 H "HO5'" . DA  B 2 1  ? -16.745 -14.792 3.972   1.00 0.00 ? 13 DA  B "HO5'" 1 
ATOM   415 P P      . DC  B 2 2  ? -12.522 -12.324 7.957   1.00 0.00 ? 14 DC  B P      1 
ATOM   416 O OP1    . DC  B 2 2  ? -12.574 -12.885 9.321   1.00 0.00 ? 14 DC  B OP1    1 
ATOM   417 O OP2    . DC  B 2 2  ? -12.925 -10.923 7.704   1.00 0.00 ? 14 DC  B OP2    1 
ATOM   418 O "O5'"  . DC  B 2 2  ? -11.073 -12.584 7.310   1.00 0.00 ? 14 DC  B "O5'"  1 
ATOM   419 C "C5'"  . DC  B 2 2  ? -10.437 -13.848 7.448   1.00 0.00 ? 14 DC  B "C5'"  1 
ATOM   420 C "C4'"  . DC  B 2 2  ? -9.109  -13.962 6.680   1.00 0.00 ? 14 DC  B "C4'"  1 
ATOM   421 O "O4'"  . DC  B 2 2  ? -9.313  -13.792 5.284   1.00 0.00 ? 14 DC  B "O4'"  1 
ATOM   422 C "C3'"  . DC  B 2 2  ? -8.012  -12.987 7.131   1.00 0.00 ? 14 DC  B "C3'"  1 
ATOM   423 O "O3'"  . DC  B 2 2  ? -6.894  -13.748 7.574   1.00 0.00 ? 14 DC  B "O3'"  1 
ATOM   424 C "C2'"  . DC  B 2 2  ? -7.705  -12.199 5.857   1.00 0.00 ? 14 DC  B "C2'"  1 
ATOM   425 C "C1'"  . DC  B 2 2  ? -8.168  -13.151 4.750   1.00 0.00 ? 14 DC  B "C1'"  1 
ATOM   426 N N1     . DC  B 2 2  ? -8.540  -12.474 3.476   1.00 0.00 ? 14 DC  B N1     1 
ATOM   427 C C2     . DC  B 2 2  ? -7.928  -12.866 2.276   1.00 0.00 ? 14 DC  B C2     1 
ATOM   428 O O2     . DC  B 2 2  ? -7.055  -13.730 2.237   1.00 0.00 ? 14 DC  B O2     1 
ATOM   429 N N3     . DC  B 2 2  ? -8.316  -12.323 1.098   1.00 0.00 ? 14 DC  B N3     1 
ATOM   430 C C4     . DC  B 2 2  ? -9.249  -11.401 1.106   1.00 0.00 ? 14 DC  B C4     1 
ATOM   431 N N4     . DC  B 2 2  ? -9.599  -10.946 -0.060  1.00 0.00 ? 14 DC  B N4     1 
ATOM   432 C C5     . DC  B 2 2  ? -9.926  -10.967 2.281   1.00 0.00 ? 14 DC  B C5     1 
ATOM   433 C C6     . DC  B 2 2  ? -9.540  -11.533 3.456   1.00 0.00 ? 14 DC  B C6     1 
ATOM   434 H "H5'"  . DC  B 2 2  ? -11.108 -14.626 7.084   1.00 0.00 ? 14 DC  B "H5'"  1 
ATOM   435 H "H5''" . DC  B 2 2  ? -10.244 -14.031 8.506   1.00 0.00 ? 14 DC  B "H5''" 1 
ATOM   436 H "H4'"  . DC  B 2 2  ? -8.724  -14.969 6.840   1.00 0.00 ? 14 DC  B "H4'"  1 
ATOM   437 H "H3'"  . DC  B 2 2  ? -8.372  -12.330 7.926   1.00 0.00 ? 14 DC  B "H3'"  1 
ATOM   438 H "H2'"  . DC  B 2 2  ? -8.284  -11.277 5.865   1.00 0.00 ? 14 DC  B "H2'"  1 
ATOM   439 H "H2''" . DC  B 2 2  ? -6.644  -11.972 5.761   1.00 0.00 ? 14 DC  B "H2''" 1 
ATOM   440 H "H1'"  . DC  B 2 2  ? -7.371  -13.885 4.578   1.00 0.00 ? 14 DC  B "H1'"  1 
ATOM   441 H H41    . DC  B 2 2  ? -10.239 -10.190 -0.140  1.00 0.00 ? 14 DC  B H41    1 
ATOM   442 H H42    . DC  B 2 2  ? -9.050  -11.271 -0.858  1.00 0.00 ? 14 DC  B H42    1 
ATOM   443 H H5     . DC  B 2 2  ? -10.709 -10.232 2.263   1.00 0.00 ? 14 DC  B H5     1 
ATOM   444 H H6     . DC  B 2 2  ? -10.020 -11.271 4.392   1.00 0.00 ? 14 DC  B H6     1 
ATOM   445 P P      . DA  B 2 3  ? -5.642  -13.079 8.341   1.00 0.00 ? 15 DA  B P      1 
ATOM   446 O OP1    . DA  B 2 3  ? -5.026  -14.135 9.175   1.00 0.00 ? 15 DA  B OP1    1 
ATOM   447 O OP2    . DA  B 2 3  ? -6.094  -11.817 8.959   1.00 0.00 ? 15 DA  B OP2    1 
ATOM   448 O "O5'"  . DA  B 2 3  ? -4.645  -12.732 7.129   1.00 0.00 ? 15 DA  B "O5'"  1 
ATOM   449 C "C5'"  . DA  B 2 3  ? -3.934  -13.765 6.464   1.00 0.00 ? 15 DA  B "C5'"  1 
ATOM   450 C "C4'"  . DA  B 2 3  ? -3.147  -13.281 5.239   1.00 0.00 ? 15 DA  B "C4'"  1 
ATOM   451 O "O4'"  . DA  B 2 3  ? -4.014  -12.857 4.196   1.00 0.00 ? 15 DA  B "O4'"  1 
ATOM   452 C "C3'"  . DA  B 2 3  ? -2.132  -12.160 5.517   1.00 0.00 ? 15 DA  B "C3'"  1 
ATOM   453 O "O3'"  . DA  B 2 3  ? -0.828  -12.682 5.282   1.00 0.00 ? 15 DA  B "O3'"  1 
ATOM   454 C "C2'"  . DA  B 2 3  ? -2.540  -11.076 4.513   1.00 0.00 ? 15 DA  B "C2'"  1 
ATOM   455 C "C1'"  . DA  B 2 3  ? -3.343  -11.847 3.466   1.00 0.00 ? 15 DA  B "C1'"  1 
ATOM   456 N N9     . DA  B 2 3  ? -4.352  -11.030 2.754   1.00 0.00 ? 15 DA  B N9     1 
ATOM   457 C C8     . DA  B 2 3  ? -5.413  -10.339 3.286   1.00 0.00 ? 15 DA  B C8     1 
ATOM   458 N N7     . DA  B 2 3  ? -6.203  -9.784  2.403   1.00 0.00 ? 15 DA  B N7     1 
ATOM   459 C C5     . DA  B 2 3  ? -5.577  -10.113 1.186   1.00 0.00 ? 15 DA  B C5     1 
ATOM   460 C C6     . DA  B 2 3  ? -5.844  -9.858  -0.181  1.00 0.00 ? 15 DA  B C6     1 
ATOM   461 N N6     . DA  B 2 3  ? -6.854  -9.138  -0.625  1.00 0.00 ? 15 DA  B N6     1 
ATOM   462 N N1     . DA  B 2 3  ? -5.053  -10.325 -1.144  1.00 0.00 ? 15 DA  B N1     1 
ATOM   463 C C2     . DA  B 2 3  ? -3.982  -11.022 -0.786  1.00 0.00 ? 15 DA  B C2     1 
ATOM   464 N N3     . DA  B 2 3  ? -3.610  -11.366 0.442   1.00 0.00 ? 15 DA  B N3     1 
ATOM   465 C C4     . DA  B 2 3  ? -4.451  -10.868 1.391   1.00 0.00 ? 15 DA  B C4     1 
ATOM   466 H "H5'"  . DA  B 2 3  ? -4.644  -14.530 6.144   1.00 0.00 ? 15 DA  B "H5'"  1 
ATOM   467 H "H5''" . DA  B 2 3  ? -3.236  -14.216 7.171   1.00 0.00 ? 15 DA  B "H5''" 1 
ATOM   468 H "H4'"  . DA  B 2 3  ? -2.585  -14.135 4.860   1.00 0.00 ? 15 DA  B "H4'"  1 
ATOM   469 H "H3'"  . DA  B 2 3  ? -2.225  -11.793 6.542   1.00 0.00 ? 15 DA  B "H3'"  1 
ATOM   470 H "H2'"  . DA  B 2 3  ? -3.165  -10.338 5.016   1.00 0.00 ? 15 DA  B "H2'"  1 
ATOM   471 H "H2''" . DA  B 2 3  ? -1.677  -10.590 4.059   1.00 0.00 ? 15 DA  B "H2''" 1 
ATOM   472 H "H1'"  . DA  B 2 3  ? -2.651  -12.290 2.742   1.00 0.00 ? 15 DA  B "H1'"  1 
ATOM   473 H H8     . DA  B 2 3  ? -5.585  -10.291 4.353   1.00 0.00 ? 15 DA  B H8     1 
ATOM   474 H H61    . DA  B 2 3  ? -7.411  -8.644  0.040   1.00 0.00 ? 15 DA  B H61    1 
ATOM   475 H H62    . DA  B 2 3  ? -6.912  -8.951  -1.623  1.00 0.00 ? 15 DA  B H62    1 
ATOM   476 H H2     . DA  B 2 3  ? -3.356  -11.376 -1.593  1.00 0.00 ? 15 DA  B H2     1 
ATOM   477 P P      . DA  B 2 4  ? 0.530   -11.869 5.616   1.00 0.00 ? 16 DA  B P      1 
ATOM   478 O OP1    . DA  B 2 4  ? 1.587   -12.868 5.890   1.00 0.00 ? 16 DA  B OP1    1 
ATOM   479 O OP2    . DA  B 2 4  ? 0.230   -10.819 6.611   1.00 0.00 ? 16 DA  B OP2    1 
ATOM   480 O "O5'"  . DA  B 2 4  ? 0.847   -11.172 4.204   1.00 0.00 ? 16 DA  B "O5'"  1 
ATOM   481 C "C5'"  . DA  B 2 4  ? 1.225   -11.964 3.089   1.00 0.00 ? 16 DA  B "C5'"  1 
ATOM   482 C "C4'"  . DA  B 2 4  ? 1.307   -11.171 1.781   1.00 0.00 ? 16 DA  B "C4'"  1 
ATOM   483 O "O4'"  . DA  B 2 4  ? 0.040   -10.631 1.444   1.00 0.00 ? 16 DA  B "O4'"  1 
ATOM   484 C "C3'"  . DA  B 2 4  ? 2.344   -10.039 1.754   1.00 0.00 ? 16 DA  B "C3'"  1 
ATOM   485 O "O3'"  . DA  B 2 4  ? 3.378   -10.411 0.845   1.00 0.00 ? 16 DA  B "O3'"  1 
ATOM   486 C "C2'"  . DA  B 2 4  ? 1.513   -8.838  1.288   1.00 0.00 ? 16 DA  B "C2'"  1 
ATOM   487 C "C1'"  . DA  B 2 4  ? 0.261   -9.469  0.673   1.00 0.00 ? 16 DA  B "C1'"  1 
ATOM   488 N N9     . DA  B 2 4  ? -0.954  -8.624  0.740   1.00 0.00 ? 16 DA  B N9     1 
ATOM   489 C C8     . DA  B 2 4  ? -1.601  -8.148  1.855   1.00 0.00 ? 16 DA  B C8     1 
ATOM   490 N N7     . DA  B 2 4  ? -2.703  -7.488  1.609   1.00 0.00 ? 16 DA  B N7     1 
ATOM   491 C C5     . DA  B 2 4  ? -2.778  -7.527  0.206   1.00 0.00 ? 16 DA  B C5     1 
ATOM   492 C C6     . DA  B 2 4  ? -3.692  -7.046  -0.764  1.00 0.00 ? 16 DA  B C6     1 
ATOM   493 N N6     . DA  B 2 4  ? -4.789  -6.367  -0.487  1.00 0.00 ? 16 DA  B N6     1 
ATOM   494 N N1     . DA  B 2 4  ? -3.501  -7.257  -2.067  1.00 0.00 ? 16 DA  B N1     1 
ATOM   495 C C2     . DA  B 2 4  ? -2.415  -7.929  -2.431  1.00 0.00 ? 16 DA  B C2     1 
ATOM   496 N N3     . DA  B 2 4  ? -1.482  -8.454  -1.646  1.00 0.00 ? 16 DA  B N3     1 
ATOM   497 C C4     . DA  B 2 4  ? -1.721  -8.215  -0.328  1.00 0.00 ? 16 DA  B C4     1 
ATOM   498 H "H5'"  . DA  B 2 4  ? 0.487   -12.755 2.956   1.00 0.00 ? 16 DA  B "H5'"  1 
ATOM   499 H "H5''" . DA  B 2 4  ? 2.192   -12.426 3.292   1.00 0.00 ? 16 DA  B "H5''" 1 
ATOM   500 H "H4'"  . DA  B 2 4  ? 1.583   -11.871 0.993   1.00 0.00 ? 16 DA  B "H4'"  1 
ATOM   501 H "H3'"  . DA  B 2 4  ? 2.754   -9.861  2.751   1.00 0.00 ? 16 DA  B "H3'"  1 
ATOM   502 H "H2'"  . DA  B 2 4  ? 1.247   -8.232  2.153   1.00 0.00 ? 16 DA  B "H2'"  1 
ATOM   503 H "H2''" . DA  B 2 4  ? 2.049   -8.237  0.558   1.00 0.00 ? 16 DA  B "H2''" 1 
ATOM   504 H "H1'"  . DA  B 2 4  ? 0.466   -9.740  -0.368  1.00 0.00 ? 16 DA  B "H1'"  1 
ATOM   505 H H8     . DA  B 2 4  ? -1.232  -8.337  2.855   1.00 0.00 ? 16 DA  B H8     1 
ATOM   506 H H61    . DA  B 2 4  ? -4.938  -6.071  0.458   1.00 0.00 ? 16 DA  B H61    1 
ATOM   507 H H62    . DA  B 2 4  ? -5.365  -6.035  -1.252  1.00 0.00 ? 16 DA  B H62    1 
ATOM   508 H H2     . DA  B 2 4  ? -2.282  -8.077  -3.497  1.00 0.00 ? 16 DA  B H2     1 
ATOM   509 P P      . DA  B 2 5  ? 4.746   -9.573  0.662   1.00 0.00 ? 17 DA  B P      1 
ATOM   510 O OP1    . DA  B 2 5  ? 5.813   -10.526 0.277   1.00 0.00 ? 17 DA  B OP1    1 
ATOM   511 O OP2    . DA  B 2 5  ? 4.932   -8.708  1.844   1.00 0.00 ? 17 DA  B OP2    1 
ATOM   512 O "O5'"  . DA  B 2 5  ? 4.409   -8.650  -0.617  1.00 0.00 ? 17 DA  B "O5'"  1 
ATOM   513 C "C5'"  . DA  B 2 5  ? 4.275   -9.237  -1.906  1.00 0.00 ? 17 DA  B "C5'"  1 
ATOM   514 C "C4'"  . DA  B 2 5  ? 3.862   -8.256  -3.013  1.00 0.00 ? 17 DA  B "C4'"  1 
ATOM   515 O "O4'"  . DA  B 2 5  ? 2.551   -7.774  -2.754  1.00 0.00 ? 17 DA  B "O4'"  1 
ATOM   516 C "C3'"  . DA  B 2 5  ? 4.804   -7.061  -3.231  1.00 0.00 ? 17 DA  B "C3'"  1 
ATOM   517 O "O3'"  . DA  B 2 5  ? 5.159   -7.011  -4.613  1.00 0.00 ? 17 DA  B "O3'"  1 
ATOM   518 C "C2'"  . DA  B 2 5  ? 3.939   -5.895  -2.758  1.00 0.00 ? 17 DA  B "C2'"  1 
ATOM   519 C "C1'"  . DA  B 2 5  ? 2.509   -6.380  -3.000  1.00 0.00 ? 17 DA  B "C1'"  1 
ATOM   520 N N9     . DA  B 2 5  ? 1.517   -5.774  -2.079  1.00 0.00 ? 17 DA  B N9     1 
ATOM   521 C C8     . DA  B 2 5  ? 1.557   -5.705  -0.707  1.00 0.00 ? 17 DA  B C8     1 
ATOM   522 N N7     . DA  B 2 5  ? 0.515   -5.138  -0.155  1.00 0.00 ? 17 DA  B N7     1 
ATOM   523 C C5     . DA  B 2 5  ? -0.286  -4.826  -1.270  1.00 0.00 ? 17 DA  B C5     1 
ATOM   524 C C6     . DA  B 2 5  ? -1.558  -4.228  -1.455  1.00 0.00 ? 17 DA  B C6     1 
ATOM   525 N N6     . DA  B 2 5  ? -2.338  -3.810  -0.478  1.00 0.00 ? 17 DA  B N6     1 
ATOM   526 N N1     . DA  B 2 5  ? -2.074  -4.050  -2.672  1.00 0.00 ? 17 DA  B N1     1 
ATOM   527 C C2     . DA  B 2 5  ? -1.353  -4.449  -3.713  1.00 0.00 ? 17 DA  B C2     1 
ATOM   528 N N3     . DA  B 2 5  ? -0.150  -5.014  -3.701  1.00 0.00 ? 17 DA  B N3     1 
ATOM   529 C C4     . DA  B 2 5  ? 0.324   -5.190  -2.439  1.00 0.00 ? 17 DA  B C4     1 
ATOM   530 H "H5'"  . DA  B 2 5  ? 3.519   -10.022 -1.854  1.00 0.00 ? 17 DA  B "H5'"  1 
ATOM   531 H "H5''" . DA  B 2 5  ? 5.225   -9.693  -2.182  1.00 0.00 ? 17 DA  B "H5''" 1 
ATOM   532 H "H4'"  . DA  B 2 5  ? 3.829   -8.814  -3.950  1.00 0.00 ? 17 DA  B "H4'"  1 
ATOM   533 H "H3'"  . DA  B 2 5  ? 5.701   -7.146  -2.615  1.00 0.00 ? 17 DA  B "H3'"  1 
ATOM   534 H "H2'"  . DA  B 2 5  ? 4.118   -5.742  -1.695  1.00 0.00 ? 17 DA  B "H2'"  1 
ATOM   535 H "H2''" . DA  B 2 5  ? 4.150   -4.982  -3.308  1.00 0.00 ? 17 DA  B "H2''" 1 
ATOM   536 H "H1'"  . DA  B 2 5  ? 2.226   -6.185  -4.040  1.00 0.00 ? 17 DA  B "H1'"  1 
ATOM   537 H H8     . DA  B 2 5  ? 2.389   -6.100  -0.137  1.00 0.00 ? 17 DA  B H8     1 
ATOM   538 H H61    . DA  B 2 5  ? -1.998  -3.850  0.463   1.00 0.00 ? 17 DA  B H61    1 
ATOM   539 H H62    . DA  B 2 5  ? -3.220  -3.372  -0.719  1.00 0.00 ? 17 DA  B H62    1 
ATOM   540 H H2     . DA  B 2 5  ? -1.788  -4.279  -4.689  1.00 0.00 ? 17 DA  B H2     1 
ATOM   541 P P      . DC  B 2 6  ? 6.121   -5.887  -5.263  1.00 0.00 ? 18 DC  B P      1 
ATOM   542 O OP1    . DC  B 2 6  ? 6.729   -6.456  -6.486  1.00 0.00 ? 18 DC  B OP1    1 
ATOM   543 O OP2    . DC  B 2 6  ? 6.999   -5.340  -4.208  1.00 0.00 ? 18 DC  B OP2    1 
ATOM   544 O "O5'"  . DC  B 2 6  ? 5.048   -4.763  -5.698  1.00 0.00 ? 18 DC  B "O5'"  1 
ATOM   545 C "C5'"  . DC  B 2 6  ? 4.070   -5.045  -6.694  1.00 0.00 ? 18 DC  B "C5'"  1 
ATOM   546 C "C4'"  . DC  B 2 6  ? 3.031   -3.930  -6.894  1.00 0.00 ? 18 DC  B "C4'"  1 
ATOM   547 O "O4'"  . DC  B 2 6  ? 2.245   -3.760  -5.722  1.00 0.00 ? 18 DC  B "O4'"  1 
ATOM   548 C "C3'"  . DC  B 2 6  ? 3.609   -2.560  -7.280  1.00 0.00 ? 18 DC  B "C3'"  1 
ATOM   549 O "O3'"  . DC  B 2 6  ? 3.112   -2.186  -8.561  1.00 0.00 ? 18 DC  B "O3'"  1 
ATOM   550 C "C2'"  . DC  B 2 6  ? 3.093   -1.649  -6.163  1.00 0.00 ? 18 DC  B "C2'"  1 
ATOM   551 C "C1'"  . DC  B 2 6  ? 1.869   -2.398  -5.634  1.00 0.00 ? 18 DC  B "C1'"  1 
ATOM   552 N N1     . DC  B 2 6  ? 1.544   -2.057  -4.221  1.00 0.00 ? 18 DC  B N1     1 
ATOM   553 C C2     . DC  B 2 6  ? 0.344   -1.401  -3.915  1.00 0.00 ? 18 DC  B C2     1 
ATOM   554 O O2     . DC  B 2 6  ? -0.428  -1.017  -4.790  1.00 0.00 ? 18 DC  B O2     1 
ATOM   555 N N3     . DC  B 2 6  ? -0.008  -1.170  -2.628  1.00 0.00 ? 18 DC  B N3     1 
ATOM   556 C C4     . DC  B 2 6  ? 0.808   -1.562  -1.676  1.00 0.00 ? 18 DC  B C4     1 
ATOM   557 N N4     . DC  B 2 6  ? 0.388   -1.384  -0.458  1.00 0.00 ? 18 DC  B N4     1 
ATOM   558 C C5     . DC  B 2 6  ? 2.041   -2.228  -1.914  1.00 0.00 ? 18 DC  B C5     1 
ATOM   559 C C6     . DC  B 2 6  ? 2.383   -2.449  -3.209  1.00 0.00 ? 18 DC  B C6     1 
ATOM   560 H "H5'"  . DC  B 2 6  ? 3.535   -5.956  -6.419  1.00 0.00 ? 18 DC  B "H5'"  1 
ATOM   561 H "H5''" . DC  B 2 6  ? 4.573   -5.223  -7.646  1.00 0.00 ? 18 DC  B "H5''" 1 
ATOM   562 H "H4'"  . DC  B 2 6  ? 2.361   -4.239  -7.699  1.00 0.00 ? 18 DC  B "H4'"  1 
ATOM   563 H "H3'"  . DC  B 2 6  ? 4.700   -2.590  -7.282  1.00 0.00 ? 18 DC  B "H3'"  1 
ATOM   564 H "H2'"  . DC  B 2 6  ? 3.859   -1.565  -5.394  1.00 0.00 ? 18 DC  B "H2'"  1 
ATOM   565 H "H2''" . DC  B 2 6  ? 2.813   -0.663  -6.526  1.00 0.00 ? 18 DC  B "H2''" 1 
ATOM   566 H "H1'"  . DC  B 2 6  ? 1.010   -2.200  -6.286  1.00 0.00 ? 18 DC  B "H1'"  1 
ATOM   567 H H41    . DC  B 2 6  ? 0.880   -1.797  0.303   1.00 0.00 ? 18 DC  B H41    1 
ATOM   568 H H42    . DC  B 2 6  ? -0.539  -0.978  -0.344  1.00 0.00 ? 18 DC  B H42    1 
ATOM   569 H H5     . DC  B 2 6  ? 2.683   -2.558  -1.116  1.00 0.00 ? 18 DC  B H5     1 
ATOM   570 H H6     . DC  B 2 6  ? 3.301   -2.962  -3.470  1.00 0.00 ? 18 DC  B H6     1 
ATOM   571 P P      . DA  B 2 7  ? 3.696   -0.928  -9.387  1.00 0.00 ? 19 DA  B P      1 
ATOM   572 O OP1    . DA  B 2 7  ? 3.379   -1.128  -10.818 1.00 0.00 ? 19 DA  B OP1    1 
ATOM   573 O OP2    . DA  B 2 7  ? 5.101   -0.711  -8.977  1.00 0.00 ? 19 DA  B OP2    1 
ATOM   574 O "O5'"  . DA  B 2 7  ? 2.810   0.300   -8.836  1.00 0.00 ? 19 DA  B "O5'"  1 
ATOM   575 C "C5'"  . DA  B 2 7  ? 1.425   0.395   -9.147  1.00 0.00 ? 19 DA  B "C5'"  1 
ATOM   576 C "C4'"  . DA  B 2 7  ? 0.733   1.626   -8.535  1.00 0.00 ? 19 DA  B "C4'"  1 
ATOM   577 O "O4'"  . DA  B 2 7  ? 0.471   1.425   -7.151  1.00 0.00 ? 19 DA  B "O4'"  1 
ATOM   578 C "C3'"  . DA  B 2 7  ? 1.514   2.944   -8.685  1.00 0.00 ? 19 DA  B "C3'"  1 
ATOM   579 O "O3'"  . DA  B 2 7  ? 0.696   3.906   -9.348  1.00 0.00 ? 19 DA  B "O3'"  1 
ATOM   580 C "C2'"  . DA  B 2 7  ? 1.795   3.314   -7.227  1.00 0.00 ? 19 DA  B "C2'"  1 
ATOM   581 C "C1'"  . DA  B 2 7  ? 0.631   2.661   -6.483  1.00 0.00 ? 19 DA  B "C1'"  1 
ATOM   582 N N9     . DA  B 2 7  ? 0.892   2.417   -5.044  1.00 0.00 ? 19 DA  B N9     1 
ATOM   583 C C8     . DA  B 2 7  ? 1.956   1.753   -4.485  1.00 0.00 ? 19 DA  B C8     1 
ATOM   584 N N7     . DA  B 2 7  ? 1.927   1.673   -3.182  1.00 0.00 ? 19 DA  B N7     1 
ATOM   585 C C5     . DA  B 2 7  ? 0.721   2.319   -2.859  1.00 0.00 ? 19 DA  B C5     1 
ATOM   586 C C6     . DA  B 2 7  ? 0.026   2.588   -1.654  1.00 0.00 ? 19 DA  B C6     1 
ATOM   587 N N6     . DA  B 2 7  ? 0.459   2.240   -0.460  1.00 0.00 ? 19 DA  B N6     1 
ATOM   588 N N1     . DA  B 2 7  ? -1.125  3.262   -1.647  1.00 0.00 ? 19 DA  B N1     1 
ATOM   589 C C2     . DA  B 2 7  ? -1.603  3.667   -2.815  1.00 0.00 ? 19 DA  B C2     1 
ATOM   590 N N3     . DA  B 2 7  ? -1.078  3.491   -4.025  1.00 0.00 ? 19 DA  B N3     1 
ATOM   591 C C4     . DA  B 2 7  ? 0.093   2.790   -3.982  1.00 0.00 ? 19 DA  B C4     1 
ATOM   592 H "H5'"  . DA  B 2 7  ? 0.915   -0.503  -8.792  1.00 0.00 ? 19 DA  B "H5'"  1 
ATOM   593 H "H5''" . DA  B 2 7  ? 1.314   0.442   -10.231 1.00 0.00 ? 19 DA  B "H5''" 1 
ATOM   594 H "H4'"  . DA  B 2 7  ? -0.226  1.749   -9.037  1.00 0.00 ? 19 DA  B "H4'"  1 
ATOM   595 H "H3'"  . DA  B 2 7  ? 2.444   2.786   -9.237  1.00 0.00 ? 19 DA  B "H3'"  1 
ATOM   596 H "H2'"  . DA  B 2 7  ? 2.745   2.870   -6.927  1.00 0.00 ? 19 DA  B "H2'"  1 
ATOM   597 H "H2''" . DA  B 2 7  ? 1.815   4.388   -7.066  1.00 0.00 ? 19 DA  B "H2''" 1 
ATOM   598 H "H1'"  . DA  B 2 7  ? -0.266  3.278   -6.601  1.00 0.00 ? 19 DA  B "H1'"  1 
ATOM   599 H H8     . DA  B 2 7  ? 2.748   1.329   -5.087  1.00 0.00 ? 19 DA  B H8     1 
ATOM   600 H H61    . DA  B 2 7  ? 1.323   1.737   -0.387  1.00 0.00 ? 19 DA  B H61    1 
ATOM   601 H H62    . DA  B 2 7  ? -0.109  2.449   0.356   1.00 0.00 ? 19 DA  B H62    1 
ATOM   602 H H2     . DA  B 2 7  ? -2.540  4.208   -2.776  1.00 0.00 ? 19 DA  B H2     1 
ATOM   603 P P      . DT  B 2 8  ? 1.266   5.320   -9.875  1.00 0.00 ? 20 DT  B P      1 
ATOM   604 O OP1    . DT  B 2 8  ? 0.355   5.830   -10.925 1.00 0.00 ? 20 DT  B OP1    1 
ATOM   605 O OP2    . DT  B 2 8  ? 2.708   5.179   -10.164 1.00 0.00 ? 20 DT  B OP2    1 
ATOM   606 O "O5'"  . DT  B 2 8  ? 1.099   6.243   -8.571  1.00 0.00 ? 20 DT  B "O5'"  1 
ATOM   607 C "C5'"  . DT  B 2 8  ? -0.194  6.624   -8.133  1.00 0.00 ? 20 DT  B "C5'"  1 
ATOM   608 C "C4'"  . DT  B 2 8  ? -0.209  7.160   -6.698  1.00 0.00 ? 20 DT  B "C4'"  1 
ATOM   609 O "O4'"  . DT  B 2 8  ? 0.239   6.179   -5.775  1.00 0.00 ? 20 DT  B "O4'"  1 
ATOM   610 C "C3'"  . DT  B 2 8  ? 0.639   8.404   -6.446  1.00 0.00 ? 20 DT  B "C3'"  1 
ATOM   611 O "O3'"  . DT  B 2 8  ? -0.089  9.590   -6.749  1.00 0.00 ? 20 DT  B "O3'"  1 
ATOM   612 C "C2'"  . DT  B 2 8  ? 0.951   8.256   -4.953  1.00 0.00 ? 20 DT  B "C2'"  1 
ATOM   613 C "C1'"  . DT  B 2 8  ? 0.524   6.837   -4.556  1.00 0.00 ? 20 DT  B "C1'"  1 
ATOM   614 N N1     . DT  B 2 8  ? 1.572   6.112   -3.781  1.00 0.00 ? 20 DT  B N1     1 
ATOM   615 C C2     . DT  B 2 8  ? 1.399   5.945   -2.399  1.00 0.00 ? 20 DT  B C2     1 
ATOM   616 O O2     . DT  B 2 8  ? 0.430   6.384   -1.784  1.00 0.00 ? 20 DT  B O2     1 
ATOM   617 N N3     . DT  B 2 8  ? 2.389   5.270   -1.715  1.00 0.00 ? 20 DT  B N3     1 
ATOM   618 C C4     . DT  B 2 8  ? 3.561   4.802   -2.267  1.00 0.00 ? 20 DT  B C4     1 
ATOM   619 O O4     . DT  B 2 8  ? 4.386   4.249   -1.543  1.00 0.00 ? 20 DT  B O4     1 
ATOM   620 C C5     . DT  B 2 8  ? 3.693   5.029   -3.708  1.00 0.00 ? 20 DT  B C5     1 
ATOM   621 C C7     . DT  B 2 8  ? 4.939   4.556   -4.436  1.00 0.00 ? 20 DT  B C7     1 
ATOM   622 C C6     . DT  B 2 8  ? 2.714   5.662   -4.408  1.00 0.00 ? 20 DT  B C6     1 
ATOM   623 H "H5'"  . DT  B 2 8  ? -0.856  5.758   -8.171  1.00 0.00 ? 20 DT  B "H5'"  1 
ATOM   624 H "H5''" . DT  B 2 8  ? -0.583  7.385   -8.811  1.00 0.00 ? 20 DT  B "H5''" 1 
ATOM   625 H "H4'"  . DT  B 2 8  ? -1.237  7.420   -6.453  1.00 0.00 ? 20 DT  B "H4'"  1 
ATOM   626 H "H3'"  . DT  B 2 8  ? 1.558   8.351   -7.036  1.00 0.00 ? 20 DT  B "H3'"  1 
ATOM   627 H "H2'"  . DT  B 2 8  ? 2.018   8.407   -4.796  1.00 0.00 ? 20 DT  B "H2'"  1 
ATOM   628 H "H2''" . DT  B 2 8  ? 0.379   8.971   -4.364  1.00 0.00 ? 20 DT  B "H2''" 1 
ATOM   629 H "H1'"  . DT  B 2 8  ? -0.398  6.892   -3.970  1.00 0.00 ? 20 DT  B "H1'"  1 
ATOM   630 H H3     . DT  B 2 8  ? 2.276   5.122   -0.725  1.00 0.00 ? 20 DT  B H3     1 
ATOM   631 H H71    . DT  B 2 8  ? 4.892   4.802   -5.497  1.00 0.00 ? 20 DT  B H71    1 
ATOM   632 H H72    . DT  B 2 8  ? 5.809   5.033   -3.985  1.00 0.00 ? 20 DT  B H72    1 
ATOM   633 H H73    . DT  B 2 8  ? 5.034   3.477   -4.311  1.00 0.00 ? 20 DT  B H73    1 
ATOM   634 H H6     . DT  B 2 8  ? 2.810   5.824   -5.475  1.00 0.00 ? 20 DT  B H6     1 
ATOM   635 P P      . DG  B 2 9  ? 0.568   11.055  -6.621  1.00 0.00 ? 21 DG  B P      1 
ATOM   636 O OP1    . DG  B 2 9  ? -0.148  11.979  -7.530  1.00 0.00 ? 21 DG  B OP1    1 
ATOM   637 O OP2    . DG  B 2 9  ? 2.038   10.927  -6.710  1.00 0.00 ? 21 DG  B OP2    1 
ATOM   638 O "O5'"  . DG  B 2 9  ? 0.203   11.469  -5.105  1.00 0.00 ? 21 DG  B "O5'"  1 
ATOM   639 C "C5'"  . DG  B 2 9  ? -1.151  11.627  -4.696  1.00 0.00 ? 21 DG  B "C5'"  1 
ATOM   640 C "C4'"  . DG  B 2 9  ? -1.313  12.094  -3.238  1.00 0.00 ? 21 DG  B "C4'"  1 
ATOM   641 O "O4'"  . DG  B 2 9  ? -0.838  11.091  -2.346  1.00 0.00 ? 21 DG  B "O4'"  1 
ATOM   642 C "C3'"  . DG  B 2 9  ? -0.601  13.415  -2.914  1.00 0.00 ? 21 DG  B "C3'"  1 
ATOM   643 O "O3'"  . DG  B 2 9  ? -1.415  14.206  -2.050  1.00 0.00 ? 21 DG  B "O3'"  1 
ATOM   644 C "C2'"  . DG  B 2 9  ? 0.680   12.916  -2.258  1.00 0.00 ? 21 DG  B "C2'"  1 
ATOM   645 C "C1'"  . DG  B 2 9  ? 0.272   11.587  -1.614  1.00 0.00 ? 21 DG  B "C1'"  1 
ATOM   646 N N9     . DG  B 2 9  ? 1.368   10.587  -1.620  1.00 0.00 ? 21 DG  B N9     1 
ATOM   647 C C8     . DG  B 2 9  ? 2.193   10.226  -2.659  1.00 0.00 ? 21 DG  B C8     1 
ATOM   648 N N7     . DG  B 2 9  ? 3.102   9.341   -2.347  1.00 0.00 ? 21 DG  B N7     1 
ATOM   649 C C5     . DG  B 2 9  ? 2.850   9.078   -0.993  1.00 0.00 ? 21 DG  B C5     1 
ATOM   650 C C6     . DG  B 2 9  ? 3.506   8.208   -0.051  1.00 0.00 ? 21 DG  B C6     1 
ATOM   651 O O6     . DG  B 2 9  ? 4.453   7.446   -0.223  1.00 0.00 ? 21 DG  B O6     1 
ATOM   652 N N1     . DG  B 2 9  ? 2.991   8.288   1.224   1.00 0.00 ? 21 DG  B N1     1 
ATOM   653 C C2     . DG  B 2 9  ? 1.970   9.100   1.572   1.00 0.00 ? 21 DG  B C2     1 
ATOM   654 N N2     . DG  B 2 9  ? 1.600   9.088   2.821   1.00 0.00 ? 21 DG  B N2     1 
ATOM   655 N N3     . DG  B 2 9  ? 1.332   9.921   0.745   1.00 0.00 ? 21 DG  B N3     1 
ATOM   656 C C4     . DG  B 2 9  ? 1.809   9.859   -0.537  1.00 0.00 ? 21 DG  B C4     1 
ATOM   657 H "H5'"  . DG  B 2 9  ? -1.672  10.675  -4.812  1.00 0.00 ? 21 DG  B "H5'"  1 
ATOM   658 H "H5''" . DG  B 2 9  ? -1.628  12.357  -5.348  1.00 0.00 ? 21 DG  B "H5''" 1 
ATOM   659 H "H4'"  . DG  B 2 9  ? -2.378  12.236  -3.052  1.00 0.00 ? 21 DG  B "H4'"  1 
ATOM   660 H "H3'"  . DG  B 2 9  ? -0.377  13.970  -3.827  1.00 0.00 ? 21 DG  B "H3'"  1 
ATOM   661 H "H2'"  . DG  B 2 9  ? 1.432   12.770  -3.030  1.00 0.00 ? 21 DG  B "H2'"  1 
ATOM   662 H "H2''" . DG  B 2 9  ? 1.045   13.615  -1.515  1.00 0.00 ? 21 DG  B "H2''" 1 
ATOM   663 H "H1'"  . DG  B 2 9  ? -0.038  11.776  -0.581  1.00 0.00 ? 21 DG  B "H1'"  1 
ATOM   664 H H8     . DG  B 2 9  ? 2.082   10.635  -3.658  1.00 0.00 ? 21 DG  B H8     1 
ATOM   665 H H1     . DG  B 2 9  ? 3.394   7.684   1.924   1.00 0.00 ? 21 DG  B H1     1 
ATOM   666 H H21    . DG  B 2 9  ? 0.802   9.641   3.056   1.00 0.00 ? 21 DG  B H21    1 
ATOM   667 H H22    . DG  B 2 9  ? 2.076   8.493   3.502   1.00 0.00 ? 21 DG  B H22    1 
ATOM   668 P P      . DC  B 2 10 ? -1.006  15.700  -1.582  1.00 0.00 ? 22 DC  B P      1 
ATOM   669 O OP1    . DC  B 2 10 ? -2.248  16.421  -1.219  1.00 0.00 ? 22 DC  B OP1    1 
ATOM   670 O OP2    . DC  B 2 10 ? -0.099  16.281  -2.596  1.00 0.00 ? 22 DC  B OP2    1 
ATOM   671 O "O5'"  . DC  B 2 10 ? -0.163  15.415  -0.238  1.00 0.00 ? 22 DC  B "O5'"  1 
ATOM   672 C "C5'"  . DC  B 2 10 ? -0.804  14.884  0.916   1.00 0.00 ? 22 DC  B "C5'"  1 
ATOM   673 C "C4'"  . DC  B 2 10 ? 0.160   14.558  2.069   1.00 0.00 ? 22 DC  B "C4'"  1 
ATOM   674 O "O4'"  . DC  B 2 10 ? 0.975   13.439  1.746   1.00 0.00 ? 22 DC  B "O4'"  1 
ATOM   675 C "C3'"  . DC  B 2 10 ? 1.081   15.712  2.494   1.00 0.00 ? 22 DC  B "C3'"  1 
ATOM   676 O "O3'"  . DC  B 2 10 ? 0.813   16.053  3.851   1.00 0.00 ? 22 DC  B "O3'"  1 
ATOM   677 C "C2'"  . DC  B 2 10 ? 2.476   15.112  2.308   1.00 0.00 ? 22 DC  B "C2'"  1 
ATOM   678 C "C1'"  . DC  B 2 10 ? 2.228   13.604  2.384   1.00 0.00 ? 22 DC  B "C1'"  1 
ATOM   679 N N1     . DC  B 2 10 ? 3.265   12.795  1.682   1.00 0.00 ? 22 DC  B N1     1 
ATOM   680 C C2     . DC  B 2 10 ? 4.073   11.903  2.402   1.00 0.00 ? 22 DC  B C2     1 
ATOM   681 O O2     . DC  B 2 10 ? 4.012   11.816  3.627   1.00 0.00 ? 22 DC  B O2     1 
ATOM   682 N N3     . DC  B 2 10 ? 4.975   11.117  1.763   1.00 0.00 ? 22 DC  B N3     1 
ATOM   683 C C4     . DC  B 2 10 ? 5.060   11.196  0.455   1.00 0.00 ? 22 DC  B C4     1 
ATOM   684 N N4     . DC  B 2 10 ? 5.902   10.387  -0.118  1.00 0.00 ? 22 DC  B N4     1 
ATOM   685 C C5     . DC  B 2 10 ? 4.282   12.084  -0.335  1.00 0.00 ? 22 DC  B C5     1 
ATOM   686 C C6     . DC  B 2 10 ? 3.399   12.881  0.319   1.00 0.00 ? 22 DC  B C6     1 
ATOM   687 H "H5'"  . DC  B 2 10 ? -1.328  13.967  0.641   1.00 0.00 ? 22 DC  B "H5'"  1 
ATOM   688 H "H5''" . DC  B 2 10 ? -1.540  15.606  1.270   1.00 0.00 ? 22 DC  B "H5''" 1 
ATOM   689 H "H4'"  . DC  B 2 10 ? -0.444  14.288  2.935   1.00 0.00 ? 22 DC  B "H4'"  1 
ATOM   690 H "H3'"  . DC  B 2 10 ? 0.939   16.580  1.846   1.00 0.00 ? 22 DC  B "H3'"  1 
ATOM   691 H "H2'"  . DC  B 2 10 ? 2.852   15.398  1.326   1.00 0.00 ? 22 DC  B "H2'"  1 
ATOM   692 H "H2''" . DC  B 2 10 ? 3.165   15.435  3.085   1.00 0.00 ? 22 DC  B "H2''" 1 
ATOM   693 H "H1'"  . DC  B 2 10 ? 2.152   13.306  3.436   1.00 0.00 ? 22 DC  B "H1'"  1 
ATOM   694 H H41    . DC  B 2 10 ? 5.792   10.202  -1.095  1.00 0.00 ? 22 DC  B H41    1 
ATOM   695 H H42    . DC  B 2 10 ? 6.347   9.689   0.476   1.00 0.00 ? 22 DC  B H42    1 
ATOM   696 H H5     . DC  B 2 10 ? 4.358   12.121  -1.408  1.00 0.00 ? 22 DC  B H5     1 
ATOM   697 H H6     . DC  B 2 10 ? 2.760   13.572  -0.217  1.00 0.00 ? 22 DC  B H6     1 
ATOM   698 P P      . DA  B 2 11 ? 1.464   17.340  4.571   1.00 0.00 ? 23 DA  B P      1 
ATOM   699 O OP1    . DA  B 2 11 ? 0.544   17.781  5.643   1.00 0.00 ? 23 DA  B OP1    1 
ATOM   700 O OP2    . DA  B 2 11 ? 1.898   18.299  3.534   1.00 0.00 ? 23 DA  B OP2    1 
ATOM   701 O "O5'"  . DA  B 2 11 ? 2.781   16.727  5.261   1.00 0.00 ? 23 DA  B "O5'"  1 
ATOM   702 C "C5'"  . DA  B 2 11 ? 2.673   15.874  6.390   1.00 0.00 ? 23 DA  B "C5'"  1 
ATOM   703 C "C4'"  . DA  B 2 11 ? 4.031   15.333  6.854   1.00 0.00 ? 23 DA  B "C4'"  1 
ATOM   704 O "O4'"  . DA  B 2 11 ? 4.538   14.412  5.898   1.00 0.00 ? 23 DA  B "O4'"  1 
ATOM   705 C "C3'"  . DA  B 2 11 ? 5.098   16.413  7.107   1.00 0.00 ? 23 DA  B "C3'"  1 
ATOM   706 O "O3'"  . DA  B 2 11 ? 5.421   16.485  8.498   1.00 0.00 ? 23 DA  B "O3'"  1 
ATOM   707 C "C2'"  . DA  B 2 11 ? 6.264   15.916  6.244   1.00 0.00 ? 23 DA  B "C2'"  1 
ATOM   708 C "C1'"  . DA  B 2 11 ? 5.946   14.451  5.942   1.00 0.00 ? 23 DA  B "C1'"  1 
ATOM   709 N N9     . DA  B 2 11 ? 6.495   13.983  4.647   1.00 0.00 ? 23 DA  B N9     1 
ATOM   710 C C8     . DA  B 2 11 ? 6.154   14.406  3.384   1.00 0.00 ? 23 DA  B C8     1 
ATOM   711 N N7     . DA  B 2 11 ? 6.786   13.797  2.413   1.00 0.00 ? 23 DA  B N7     1 
ATOM   712 C C5     . DA  B 2 11 ? 7.562   12.846  3.102   1.00 0.00 ? 23 DA  B C5     1 
ATOM   713 C C6     . DA  B 2 11 ? 8.444   11.804  2.718   1.00 0.00 ? 23 DA  B C6     1 
ATOM   714 N N6     . DA  B 2 11 ? 8.649   11.418  1.475   1.00 0.00 ? 23 DA  B N6     1 
ATOM   715 N N1     . DA  B 2 11 ? 9.148   11.123  3.626   1.00 0.00 ? 23 DA  B N1     1 
ATOM   716 C C2     . DA  B 2 11 ? 8.938   11.404  4.904   1.00 0.00 ? 23 DA  B C2     1 
ATOM   717 N N3     . DA  B 2 11 ? 8.128   12.321  5.425   1.00 0.00 ? 23 DA  B N3     1 
ATOM   718 C C4     . DA  B 2 11 ? 7.440   12.997  4.459   1.00 0.00 ? 23 DA  B C4     1 
ATOM   719 H "H5'"  . DA  B 2 11 ? 2.027   15.031  6.141   1.00 0.00 ? 23 DA  B "H5'"  1 
ATOM   720 H "H5''" . DA  B 2 11 ? 2.216   16.431  7.210   1.00 0.00 ? 23 DA  B "H5''" 1 
ATOM   721 H "H4'"  . DA  B 2 11 ? 3.876   14.792  7.788   1.00 0.00 ? 23 DA  B "H4'"  1 
ATOM   722 H "H3'"  . DA  B 2 11 ? 4.748   17.385  6.749   1.00 0.00 ? 23 DA  B "H3'"  1 
ATOM   723 H "H2'"  . DA  B 2 11 ? 6.297   16.501  5.325   1.00 0.00 ? 23 DA  B "H2'"  1 
ATOM   724 H "H2''" . DA  B 2 11 ? 7.205   15.987  6.775   1.00 0.00 ? 23 DA  B "H2''" 1 
ATOM   725 H "H1'"  . DA  B 2 11 ? 6.311   13.811  6.750   1.00 0.00 ? 23 DA  B "H1'"  1 
ATOM   726 H H8     . DA  B 2 11 ? 5.419   15.181  3.221   1.00 0.00 ? 23 DA  B H8     1 
ATOM   727 H H61    . DA  B 2 11 ? 7.965   11.682  0.790   1.00 0.00 ? 23 DA  B H61    1 
ATOM   728 H H62    . DA  B 2 11 ? 9.211   10.588  1.321   1.00 0.00 ? 23 DA  B H62    1 
ATOM   729 H H2     . DA  B 2 11 ? 9.516   10.821  5.608   1.00 0.00 ? 23 DA  B H2     1 
ATOM   730 P P      . DC  B 2 12 ? 6.376   17.632  9.126   1.00 0.00 ? 24 DC  B P      1 
ATOM   731 O OP1    . DC  B 2 12 ? 6.128   17.747  10.581  1.00 0.00 ? 24 DC  B OP1    1 
ATOM   732 O OP2    . DC  B 2 12 ? 6.353   18.835  8.272   1.00 0.00 ? 24 DC  B OP2    1 
ATOM   733 O "O5'"  . DC  B 2 12 ? 7.823   16.980  8.957   1.00 0.00 ? 24 DC  B "O5'"  1 
ATOM   734 C "C5'"  . DC  B 2 12 ? 8.190   15.822  9.681   1.00 0.00 ? 24 DC  B "C5'"  1 
ATOM   735 C "C4'"  . DC  B 2 12 ? 9.550   15.307  9.197   1.00 0.00 ? 24 DC  B "C4'"  1 
ATOM   736 O "O4'"  . DC  B 2 12 ? 9.437   14.683  7.936   1.00 0.00 ? 24 DC  B "O4'"  1 
ATOM   737 C "C3'"  . DC  B 2 12 ? 10.602  16.404  8.991   1.00 0.00 ? 24 DC  B "C3'"  1 
ATOM   738 O "O3'"  . DC  B 2 12 ? 11.273  16.743  10.195  1.00 0.00 ? 24 DC  B "O3'"  1 
ATOM   739 C "C2'"  . DC  B 2 12 ? 11.540  15.771  7.968   1.00 0.00 ? 24 DC  B "C2'"  1 
ATOM   740 C "C1'"  . DC  B 2 12 ? 10.728  14.618  7.361   1.00 0.00 ? 24 DC  B "C1'"  1 
ATOM   741 N N1     . DC  B 2 12 ? 10.630  14.697  5.878   1.00 0.00 ? 24 DC  B N1     1 
ATOM   742 C C2     . DC  B 2 12 ? 11.459  13.881  5.106   1.00 0.00 ? 24 DC  B C2     1 
ATOM   743 O O2     . DC  B 2 12 ? 12.324  13.178  5.632   1.00 0.00 ? 24 DC  B O2     1 
ATOM   744 N N3     . DC  B 2 12 ? 11.360  13.863  3.760   1.00 0.00 ? 24 DC  B N3     1 
ATOM   745 C C4     . DC  B 2 12 ? 10.433  14.600  3.187   1.00 0.00 ? 24 DC  B C4     1 
ATOM   746 N N4     . DC  B 2 12 ? 10.321  14.458  1.902   1.00 0.00 ? 24 DC  B N4     1 
ATOM   747 C C5     . DC  B 2 12 ? 9.601   15.503  3.906   1.00 0.00 ? 24 DC  B C5     1 
ATOM   748 C C6     . DC  B 2 12 ? 9.731   15.531  5.259   1.00 0.00 ? 24 DC  B C6     1 
ATOM   749 H "H5'"  . DC  B 2 12 ? 7.438   15.044  9.534   1.00 0.00 ? 24 DC  B "H5'"  1 
ATOM   750 H "H5''" . DC  B 2 12 ? 8.244   16.067  10.742  1.00 0.00 ? 24 DC  B "H5''" 1 
ATOM   751 H "H4'"  . DC  B 2 12 ? 9.924   14.575  9.913   1.00 0.00 ? 24 DC  B "H4'"  1 
ATOM   752 H "H3'"  . DC  B 2 12 ? 10.136  17.288  8.545   1.00 0.00 ? 24 DC  B "H3'"  1 
ATOM   753 H "HO3'" . DC  B 2 12 ? 10.631  17.200  10.749  1.00 0.00 ? 24 DC  B "HO3'" 1 
ATOM   754 H "H2'"  . DC  B 2 12 ? 11.814  16.508  7.215   1.00 0.00 ? 24 DC  B "H2'"  1 
ATOM   755 H "H2''" . DC  B 2 12 ? 12.431  15.376  8.453   1.00 0.00 ? 24 DC  B "H2''" 1 
ATOM   756 H "H1'"  . DC  B 2 12 ? 11.187  13.661  7.644   1.00 0.00 ? 24 DC  B "H1'"  1 
ATOM   757 H H41    . DC  B 2 12 ? 9.468   14.742  1.471   1.00 0.00 ? 24 DC  B H41    1 
ATOM   758 H H42    . DC  B 2 12 ? 10.910  13.754  1.469   1.00 0.00 ? 24 DC  B H42    1 
ATOM   759 H H5     . DC  B 2 12 ? 8.861   16.121  3.421   1.00 0.00 ? 24 DC  B H5     1 
ATOM   760 H H6     . DC  B 2 12 ? 9.117   16.179  5.871   1.00 0.00 ? 24 DC  B H6     1 
# 
